data_4ZTD
#
_entry.id   4ZTD
#
_cell.length_a   84.360
_cell.length_b   84.360
_cell.length_c   210.862
_cell.angle_alpha   90.000
_cell.angle_beta   90.000
_cell.angle_gamma   120.000
#
_symmetry.space_group_name_H-M   'P 65'
#
loop_
_entity.id
_entity.type
_entity.pdbx_description
1 polymer 'Proliferating cell nuclear antigen'
2 polymer ALA-PHE-GLN-ALA-LYS-LEU-ASP-THR-PHE-LEU-TRP-SER
3 polymer ALA-GLY-ALA-GLY-ALA
4 water water
#
loop_
_entity_poly.entity_id
_entity_poly.type
_entity_poly.pdbx_seq_one_letter_code
_entity_poly.pdbx_strand_id
1 'polypeptide(L)'
;FEARLVQGSILKKVLEALKDLINEACWDISSSGVNLQSMDSSHVSLVQLTLRSEGFDTYRCDRNLAMGVNLTSMSKILKC
AGNEDIITLRAEDNADTLALVFEAPNQEKVSDYEMKLMDLDVEQLGIPEQEYSCVVKMPSGEFARICRDLSHIGDAVVIS
CAKDGVKFSASGELGNGNIKLSQTSNVDKEEEAVTIEMNEPVQLTFALRYLNFFTKATPLSSTVTLSMSADVPLVVEYKI
ADMGHLKYYLAPK
;
A,B,C
2 'polypeptide(L)' AFQAKLDTFLWS D,E
3 'polypeptide(L)' AGAGA F
#
# COMPACT_ATOMS: atom_id res chain seq x y z
N PHE A 1 24.63 -26.65 -7.64
CA PHE A 1 24.98 -27.50 -8.78
C PHE A 1 26.05 -27.00 -9.78
N GLU A 2 26.50 -25.74 -9.80
CA GLU A 2 26.25 -24.67 -8.84
C GLU A 2 26.20 -23.34 -9.57
N ALA A 3 25.15 -22.55 -9.34
CA ALA A 3 24.93 -21.36 -10.18
C ALA A 3 24.78 -20.06 -9.39
N ARG A 4 25.65 -19.09 -9.64
CA ARG A 4 25.55 -17.80 -8.95
C ARG A 4 24.99 -16.74 -9.88
N LEU A 5 24.21 -15.82 -9.33
CA LEU A 5 23.59 -14.73 -10.08
C LEU A 5 23.55 -13.48 -9.23
N VAL A 6 24.27 -12.45 -9.67
CA VAL A 6 24.55 -11.28 -8.86
C VAL A 6 23.33 -10.45 -8.50
N GLN A 7 22.45 -10.19 -9.47
CA GLN A 7 21.28 -9.36 -9.17
C GLN A 7 20.10 -10.23 -8.79
N GLY A 8 19.85 -10.34 -7.48
CA GLY A 8 18.82 -11.22 -6.96
C GLY A 8 17.42 -10.93 -7.45
N SER A 9 17.11 -9.64 -7.63
CA SER A 9 15.79 -9.17 -8.02
C SER A 9 15.21 -9.99 -9.17
N ILE A 10 16.01 -10.16 -10.22
CA ILE A 10 15.69 -11.02 -11.35
C ILE A 10 14.99 -12.30 -10.88
N LEU A 11 15.73 -13.12 -10.13
CA LEU A 11 15.20 -14.37 -9.61
C LEU A 11 13.89 -14.15 -8.86
N LYS A 12 13.90 -13.18 -7.94
CA LYS A 12 12.71 -12.89 -7.17
C LYS A 12 11.56 -12.66 -8.14
N LYS A 13 11.79 -11.75 -9.09
CA LYS A 13 10.76 -11.37 -10.05
C LYS A 13 10.34 -12.59 -10.87
N VAL A 14 11.32 -13.41 -11.25
CA VAL A 14 11.03 -14.59 -12.05
C VAL A 14 10.05 -15.49 -11.32
N LEU A 15 10.25 -15.63 -10.01
CA LEU A 15 9.40 -16.53 -9.25
C LEU A 15 8.09 -15.85 -8.91
N GLU A 16 8.08 -14.52 -8.94
CA GLU A 16 6.85 -13.79 -8.73
C GLU A 16 5.96 -14.00 -9.95
N ALA A 17 6.61 -14.15 -11.10
CA ALA A 17 5.89 -14.30 -12.36
C ALA A 17 5.33 -15.71 -12.56
N LEU A 18 5.77 -16.66 -11.75
CA LEU A 18 5.37 -18.05 -11.95
C LEU A 18 4.44 -18.61 -10.87
N LYS A 19 4.79 -18.35 -9.61
CA LYS A 19 4.20 -19.06 -8.47
C LYS A 19 2.68 -19.13 -8.44
N ASP A 20 2.02 -18.04 -8.85
CA ASP A 20 0.57 -17.99 -8.80
C ASP A 20 -0.03 -18.65 -10.04
N LEU A 21 0.77 -18.80 -11.09
CA LEU A 21 0.31 -19.44 -12.31
C LEU A 21 0.54 -20.94 -12.24
N ILE A 22 1.75 -21.35 -11.85
CA ILE A 22 2.05 -22.76 -11.69
C ILE A 22 2.59 -23.03 -10.28
N ASN A 23 2.00 -24.02 -9.62
CA ASN A 23 2.31 -24.31 -8.22
C ASN A 23 3.63 -25.07 -8.05
N GLU A 24 3.81 -26.11 -8.87
CA GLU A 24 5.03 -26.91 -8.84
C GLU A 24 5.54 -27.09 -10.25
N ALA A 25 6.85 -27.16 -10.40
CA ALA A 25 7.42 -27.37 -11.72
C ALA A 25 8.78 -28.05 -11.64
N CYS A 26 9.28 -28.51 -12.78
CA CYS A 26 10.57 -29.18 -12.81
C CYS A 26 11.62 -28.30 -13.49
N TRP A 27 12.75 -28.14 -12.83
CA TRP A 27 13.86 -27.38 -13.37
C TRP A 27 14.86 -28.30 -14.04
N ASP A 28 14.98 -28.16 -15.35
CA ASP A 28 15.94 -28.92 -16.12
C ASP A 28 17.27 -28.17 -16.15
N ILE A 29 18.18 -28.57 -15.30
CA ILE A 29 19.52 -28.02 -15.31
C ILE A 29 20.42 -28.86 -16.20
N SER A 30 20.90 -28.23 -17.26
CA SER A 30 21.89 -28.83 -18.14
C SER A 30 23.10 -27.90 -18.24
N SER A 31 24.14 -28.37 -18.92
CA SER A 31 25.35 -27.57 -19.10
C SER A 31 25.04 -26.25 -19.81
N SER A 32 24.03 -26.29 -20.67
CA SER A 32 23.60 -25.13 -21.45
C SER A 32 22.85 -24.11 -20.60
N GLY A 33 22.43 -24.49 -19.40
CA GLY A 33 21.71 -23.60 -18.52
C GLY A 33 20.45 -24.20 -17.92
N VAL A 34 19.52 -23.33 -17.57
CA VAL A 34 18.30 -23.71 -16.87
C VAL A 34 17.07 -23.61 -17.75
N ASN A 35 16.29 -24.68 -17.83
CA ASN A 35 15.06 -24.68 -18.60
C ASN A 35 13.88 -25.17 -17.78
N LEU A 36 12.86 -24.33 -17.64
CA LEU A 36 11.63 -24.76 -17.02
C LEU A 36 10.55 -24.82 -18.09
N GLN A 37 9.72 -25.85 -18.03
CA GLN A 37 8.61 -25.98 -18.98
C GLN A 37 7.43 -26.65 -18.29
N SER A 38 6.36 -25.89 -18.09
CA SER A 38 5.23 -26.41 -17.34
C SER A 38 3.93 -25.71 -17.68
N MET A 39 2.87 -26.49 -17.89
CA MET A 39 1.54 -25.93 -18.06
C MET A 39 0.93 -25.68 -16.69
N ASP A 40 -0.02 -24.75 -16.61
CA ASP A 40 -0.74 -24.56 -15.35
C ASP A 40 -1.65 -25.78 -15.14
N SER A 41 -2.23 -25.87 -13.94
CA SER A 41 -3.03 -27.06 -13.60
C SER A 41 -4.14 -27.32 -14.60
N SER A 42 -4.68 -26.26 -15.20
CA SER A 42 -5.81 -26.40 -16.12
C SER A 42 -5.39 -26.67 -17.58
N HIS A 43 -4.09 -26.69 -17.85
CA HIS A 43 -3.56 -26.98 -19.20
C HIS A 43 -4.05 -26.03 -20.28
N VAL A 44 -4.37 -24.81 -19.87
CA VAL A 44 -4.78 -23.79 -20.81
C VAL A 44 -3.58 -22.89 -21.20
N SER A 45 -2.59 -22.80 -20.31
CA SER A 45 -1.40 -21.99 -20.59
C SER A 45 -0.12 -22.79 -20.36
N LEU A 46 0.98 -22.33 -20.97
CA LEU A 46 2.27 -23.01 -20.86
C LEU A 46 3.42 -22.05 -20.63
N VAL A 47 4.17 -22.27 -19.57
CA VAL A 47 5.33 -21.47 -19.26
C VAL A 47 6.61 -22.15 -19.73
N GLN A 48 7.44 -21.38 -20.43
CA GLN A 48 8.74 -21.85 -20.91
C GLN A 48 9.82 -20.84 -20.52
N LEU A 49 10.55 -21.15 -19.46
CA LEU A 49 11.64 -20.32 -18.96
C LEU A 49 12.98 -20.84 -19.47
N THR A 50 13.80 -19.93 -19.97
CA THR A 50 15.15 -20.28 -20.38
C THR A 50 16.18 -19.30 -19.82
N LEU A 51 17.20 -19.83 -19.17
CA LEU A 51 18.27 -19.04 -18.58
C LEU A 51 19.60 -19.66 -18.98
N ARG A 52 20.23 -19.12 -20.02
CA ARG A 52 21.46 -19.67 -20.54
C ARG A 52 22.54 -19.64 -19.49
N SER A 53 23.42 -20.64 -19.51
CA SER A 53 24.43 -20.79 -18.48
C SER A 53 25.50 -19.68 -18.48
N GLU A 54 25.68 -19.02 -19.61
CA GLU A 54 26.69 -17.96 -19.72
C GLU A 54 26.20 -16.64 -19.15
N GLY A 55 24.89 -16.53 -18.94
CA GLY A 55 24.33 -15.34 -18.33
C GLY A 55 24.47 -15.34 -16.82
N PHE A 56 24.96 -16.45 -16.29
CA PHE A 56 25.25 -16.57 -14.87
C PHE A 56 26.68 -16.12 -14.58
N ASP A 57 26.91 -15.56 -13.39
CA ASP A 57 28.24 -15.14 -13.00
C ASP A 57 29.10 -16.35 -12.71
N THR A 58 28.45 -17.41 -12.26
CA THR A 58 29.10 -18.69 -11.98
C THR A 58 28.12 -19.81 -12.32
N TYR A 59 28.56 -20.76 -13.14
CA TYR A 59 27.70 -21.88 -13.51
C TYR A 59 28.51 -23.17 -13.67
N ARG A 60 28.10 -24.19 -12.93
CA ARG A 60 28.72 -25.51 -12.98
C ARG A 60 27.62 -26.55 -13.12
N CYS A 61 27.91 -27.67 -13.79
CA CYS A 61 26.92 -28.73 -13.92
C CYS A 61 27.54 -30.10 -14.18
N ASP A 62 27.73 -30.87 -13.12
CA ASP A 62 28.29 -32.22 -13.24
C ASP A 62 27.38 -33.09 -14.10
N ARG A 63 26.20 -33.41 -13.57
CA ARG A 63 25.22 -34.20 -14.31
C ARG A 63 24.02 -33.36 -14.73
N ASN A 64 23.45 -33.71 -15.88
CA ASN A 64 22.14 -33.19 -16.23
C ASN A 64 21.18 -33.60 -15.14
N LEU A 65 20.28 -32.70 -14.75
CA LEU A 65 19.48 -32.94 -13.55
C LEU A 65 18.10 -32.28 -13.59
N ALA A 66 17.13 -32.94 -12.97
CA ALA A 66 15.75 -32.46 -12.97
C ALA A 66 15.24 -32.25 -11.54
N MET A 67 15.13 -30.99 -11.13
CA MET A 67 14.70 -30.69 -9.76
C MET A 67 13.24 -30.27 -9.68
N GLY A 68 12.41 -31.12 -9.11
CA GLY A 68 11.01 -30.78 -8.93
C GLY A 68 10.82 -29.94 -7.69
N VAL A 69 10.29 -28.73 -7.86
CA VAL A 69 10.10 -27.84 -6.71
C VAL A 69 8.71 -27.22 -6.65
N ASN A 70 8.34 -26.84 -5.43
CA ASN A 70 7.15 -26.06 -5.16
C ASN A 70 7.49 -24.58 -5.30
N LEU A 71 6.98 -23.95 -6.36
CA LEU A 71 7.33 -22.58 -6.68
C LEU A 71 6.83 -21.59 -5.64
N THR A 72 5.82 -21.99 -4.88
CA THR A 72 5.28 -21.16 -3.81
C THR A 72 6.25 -21.14 -2.64
N SER A 73 6.77 -22.30 -2.28
CA SER A 73 7.79 -22.41 -1.23
C SER A 73 9.02 -21.62 -1.62
N MET A 74 9.43 -21.80 -2.87
CA MET A 74 10.62 -21.13 -3.38
C MET A 74 10.46 -19.62 -3.40
N SER A 75 9.28 -19.15 -3.79
CA SER A 75 9.00 -17.72 -3.77
C SER A 75 9.05 -17.20 -2.33
N LYS A 76 8.44 -17.93 -1.40
CA LYS A 76 8.47 -17.55 0.01
C LYS A 76 9.90 -17.47 0.55
N ILE A 77 10.78 -18.31 0.03
CA ILE A 77 12.18 -18.29 0.43
C ILE A 77 12.92 -17.10 -0.20
N LEU A 78 12.62 -16.81 -1.46
CA LEU A 78 13.24 -15.69 -2.16
C LEU A 78 12.78 -14.33 -1.62
N LYS A 79 11.64 -14.31 -0.93
CA LYS A 79 11.20 -13.11 -0.23
C LYS A 79 12.22 -12.69 0.81
N CYS A 80 12.93 -13.69 1.35
CA CYS A 80 13.93 -13.45 2.36
C CYS A 80 15.26 -13.06 1.74
N ALA A 81 15.24 -12.80 0.44
CA ALA A 81 16.42 -12.31 -0.27
C ALA A 81 16.30 -10.82 -0.54
N GLY A 82 17.39 -10.10 -0.41
CA GLY A 82 17.42 -8.69 -0.74
C GLY A 82 17.43 -8.55 -2.24
N ASN A 83 16.88 -7.44 -2.74
CA ASN A 83 16.83 -7.20 -4.17
C ASN A 83 18.22 -7.07 -4.79
N GLU A 84 19.18 -6.68 -3.97
CA GLU A 84 20.56 -6.54 -4.43
C GLU A 84 21.44 -7.67 -3.97
N ASP A 85 20.84 -8.68 -3.35
CA ASP A 85 21.59 -9.86 -2.93
C ASP A 85 22.20 -10.58 -4.14
N ILE A 86 23.36 -11.16 -3.94
CA ILE A 86 23.89 -12.15 -4.87
C ILE A 86 23.31 -13.50 -4.48
N ILE A 87 22.58 -14.13 -5.40
CA ILE A 87 21.94 -15.40 -5.09
C ILE A 87 22.68 -16.58 -5.70
N THR A 88 23.11 -17.49 -4.85
CA THR A 88 23.68 -18.75 -5.30
C THR A 88 22.64 -19.86 -5.16
N LEU A 89 22.49 -20.66 -6.21
CA LEU A 89 21.67 -21.86 -6.15
C LEU A 89 22.61 -23.06 -6.17
N ARG A 90 22.40 -23.98 -5.24
CA ARG A 90 23.27 -25.15 -5.12
C ARG A 90 22.51 -26.42 -4.79
N ALA A 91 22.53 -27.36 -5.72
CA ALA A 91 21.99 -28.69 -5.44
C ALA A 91 22.90 -29.76 -6.01
N GLU A 92 23.90 -30.13 -5.23
CA GLU A 92 24.73 -31.28 -5.58
C GLU A 92 24.62 -32.28 -4.46
N ASP A 93 23.47 -32.93 -4.37
CA ASP A 93 23.17 -33.81 -3.28
C ASP A 93 22.57 -35.12 -3.77
N ASN A 94 22.65 -36.14 -2.93
CA ASN A 94 22.04 -37.43 -3.21
C ASN A 94 20.80 -37.59 -2.34
N ALA A 95 20.83 -36.91 -1.19
CA ALA A 95 19.63 -36.66 -0.40
C ALA A 95 19.21 -35.23 -0.69
N ASP A 96 18.35 -35.07 -1.69
CA ASP A 96 18.21 -33.80 -2.40
C ASP A 96 17.36 -32.72 -1.74
N THR A 97 18.05 -31.69 -1.25
CA THR A 97 17.46 -30.40 -0.97
C THR A 97 18.08 -29.40 -1.92
N LEU A 98 17.49 -28.22 -2.04
CA LEU A 98 18.08 -27.15 -2.82
C LEU A 98 18.54 -26.04 -1.89
N ALA A 99 19.84 -25.76 -1.93
CA ALA A 99 20.40 -24.68 -1.15
C ALA A 99 20.27 -23.38 -1.91
N LEU A 100 19.78 -22.35 -1.22
CA LEU A 100 19.71 -21.00 -1.75
C LEU A 100 20.50 -20.09 -0.83
N VAL A 101 21.55 -19.50 -1.35
CA VAL A 101 22.41 -18.65 -0.54
C VAL A 101 22.30 -17.19 -0.97
N PHE A 102 21.92 -16.31 -0.06
CA PHE A 102 21.80 -14.89 -0.37
C PHE A 102 22.94 -14.13 0.29
N GLU A 103 23.87 -13.65 -0.52
CA GLU A 103 24.99 -12.83 -0.04
C GLU A 103 24.69 -11.35 -0.23
N ALA A 104 24.55 -10.63 0.88
CA ALA A 104 24.41 -9.19 0.78
C ALA A 104 25.74 -8.64 0.26
N PRO A 105 25.69 -7.81 -0.80
CA PRO A 105 26.83 -7.48 -1.68
C PRO A 105 28.11 -7.10 -0.94
N ASN A 106 28.10 -5.93 -0.31
CA ASN A 106 29.28 -5.44 0.38
C ASN A 106 29.07 -5.27 1.87
N GLN A 107 28.58 -6.32 2.51
CA GLN A 107 28.46 -6.34 3.97
C GLN A 107 28.56 -7.76 4.51
N GLU A 108 28.32 -7.92 5.80
CA GLU A 108 28.67 -9.14 6.50
C GLU A 108 27.52 -10.14 6.62
N LYS A 109 26.46 -9.94 5.84
CA LYS A 109 25.30 -10.83 5.94
C LYS A 109 25.34 -11.93 4.91
N VAL A 110 25.25 -13.17 5.37
CA VAL A 110 25.08 -14.31 4.48
C VAL A 110 23.92 -15.16 4.96
N SER A 111 22.94 -15.36 4.08
CA SER A 111 21.82 -16.23 4.40
C SER A 111 21.93 -17.52 3.63
N ASP A 112 21.59 -18.64 4.25
CA ASP A 112 21.51 -19.89 3.52
C ASP A 112 20.24 -20.63 3.92
N TYR A 113 19.50 -21.04 2.90
CA TYR A 113 18.21 -21.69 3.10
C TYR A 113 18.22 -23.05 2.42
N GLU A 114 17.68 -24.06 3.07
CA GLU A 114 17.54 -25.37 2.44
C GLU A 114 16.08 -25.62 2.14
N MET A 115 15.79 -26.03 0.91
CA MET A 115 14.42 -26.30 0.51
C MET A 115 14.25 -27.74 0.05
N LYS A 116 13.36 -28.48 0.69
CA LYS A 116 13.11 -29.86 0.32
C LYS A 116 12.62 -29.96 -1.13
N LEU A 117 13.10 -30.96 -1.86
CA LEU A 117 12.71 -31.14 -3.26
C LEU A 117 11.49 -32.06 -3.40
N MET A 118 11.07 -32.26 -4.65
CA MET A 118 9.99 -33.18 -4.96
C MET A 118 10.34 -33.99 -6.20
N ASP A 119 9.71 -35.14 -6.35
CA ASP A 119 9.86 -35.89 -7.58
C ASP A 119 8.70 -35.59 -8.51
N LEU A 120 8.99 -34.85 -9.57
CA LEU A 120 8.04 -34.61 -10.64
C LEU A 120 8.58 -35.24 -11.90
N ASP A 121 7.72 -35.87 -12.68
CA ASP A 121 8.14 -36.46 -13.94
C ASP A 121 8.14 -35.41 -15.05
N VAL A 122 9.28 -35.28 -15.72
CA VAL A 122 9.40 -34.32 -16.81
C VAL A 122 8.85 -34.93 -18.09
N GLU A 123 8.42 -34.07 -19.02
CA GLU A 123 7.90 -34.53 -20.30
C GLU A 123 8.30 -33.57 -21.43
N GLN A 124 8.03 -32.29 -21.23
CA GLN A 124 8.27 -31.27 -22.25
C GLN A 124 7.71 -31.68 -23.60
N LEU A 125 6.38 -31.64 -23.74
CA LEU A 125 5.78 -31.96 -25.02
C LEU A 125 6.23 -30.94 -26.06
N GLY A 126 6.28 -29.68 -25.66
CA GLY A 126 6.85 -28.64 -26.49
C GLY A 126 5.94 -28.13 -27.59
N ILE A 127 6.03 -26.83 -27.84
CA ILE A 127 5.29 -26.17 -28.92
C ILE A 127 6.12 -26.16 -30.20
N PRO A 128 5.51 -26.54 -31.33
CA PRO A 128 6.25 -26.50 -32.60
C PRO A 128 6.62 -25.08 -32.99
N GLU A 129 7.86 -24.87 -33.41
CA GLU A 129 8.29 -23.54 -33.79
C GLU A 129 7.84 -23.22 -35.23
N GLN A 130 7.24 -22.04 -35.37
CA GLN A 130 6.66 -21.60 -36.64
C GLN A 130 6.87 -20.11 -36.82
N GLU A 131 6.54 -19.59 -38.00
CA GLU A 131 6.58 -18.15 -38.21
C GLU A 131 5.16 -17.63 -38.18
N TYR A 132 4.92 -16.63 -37.33
CA TYR A 132 3.58 -16.18 -37.03
C TYR A 132 3.05 -15.09 -37.97
N SER A 133 1.73 -15.08 -38.13
CA SER A 133 1.03 -14.11 -38.96
C SER A 133 1.27 -12.68 -38.49
N CYS A 134 1.15 -12.47 -37.19
CA CYS A 134 1.35 -11.15 -36.61
C CYS A 134 2.33 -11.19 -35.44
N VAL A 135 3.23 -10.21 -35.39
CA VAL A 135 4.12 -10.08 -34.25
C VAL A 135 4.07 -8.64 -33.77
N VAL A 136 3.63 -8.46 -32.52
CA VAL A 136 3.44 -7.14 -31.94
C VAL A 136 4.40 -6.89 -30.80
N LYS A 137 5.32 -5.95 -30.99
CA LYS A 137 6.29 -5.61 -29.96
C LYS A 137 5.91 -4.28 -29.31
N MET A 138 5.74 -4.27 -27.99
CA MET A 138 5.26 -3.07 -27.32
C MET A 138 5.87 -2.90 -25.93
N PRO A 139 5.70 -1.72 -25.31
CA PRO A 139 6.13 -1.60 -23.90
C PRO A 139 5.37 -2.53 -22.97
N SER A 140 6.08 -3.20 -22.06
CA SER A 140 5.48 -4.18 -21.18
C SER A 140 4.40 -3.58 -20.29
N GLY A 141 4.69 -2.39 -19.75
CA GLY A 141 3.76 -1.68 -18.89
C GLY A 141 2.43 -1.42 -19.55
N GLU A 142 2.48 -1.07 -20.83
CA GLU A 142 1.27 -0.79 -21.60
C GLU A 142 0.40 -2.04 -21.72
N PHE A 143 1.03 -3.16 -22.03
CA PHE A 143 0.31 -4.44 -22.11
C PHE A 143 -0.34 -4.76 -20.78
N ALA A 144 0.43 -4.61 -19.71
CA ALA A 144 -0.09 -4.83 -18.36
C ALA A 144 -1.35 -3.99 -18.11
N ARG A 145 -1.21 -2.69 -18.37
CA ARG A 145 -2.30 -1.74 -18.18
C ARG A 145 -3.54 -2.12 -19.01
N ILE A 146 -3.32 -2.56 -20.23
CA ILE A 146 -4.44 -2.92 -21.10
C ILE A 146 -5.20 -4.12 -20.57
N CYS A 147 -4.47 -5.20 -20.25
CA CYS A 147 -5.11 -6.41 -19.73
C CYS A 147 -5.87 -6.10 -18.43
N ARG A 148 -5.24 -5.36 -17.54
CA ARG A 148 -5.87 -4.95 -16.29
C ARG A 148 -7.14 -4.15 -16.53
N ASP A 149 -7.04 -3.15 -17.41
CA ASP A 149 -8.16 -2.27 -17.73
C ASP A 149 -9.35 -3.01 -18.34
N LEU A 150 -9.08 -3.91 -19.28
CA LEU A 150 -10.13 -4.61 -19.97
C LEU A 150 -10.73 -5.71 -19.10
N SER A 151 -9.99 -6.12 -18.07
CA SER A 151 -10.56 -7.04 -17.10
C SER A 151 -11.65 -6.34 -16.30
N HIS A 152 -11.62 -5.01 -16.28
CA HIS A 152 -12.69 -4.22 -15.65
C HIS A 152 -13.97 -4.28 -16.49
N ILE A 153 -13.83 -4.64 -17.77
CA ILE A 153 -14.95 -4.63 -18.70
C ILE A 153 -15.52 -6.02 -18.95
N GLY A 154 -14.65 -6.98 -19.25
CA GLY A 154 -15.07 -8.34 -19.56
C GLY A 154 -14.03 -9.38 -19.22
N ASP A 155 -14.35 -10.64 -19.48
CA ASP A 155 -13.46 -11.73 -19.12
C ASP A 155 -12.57 -12.17 -20.28
N ALA A 156 -12.97 -11.82 -21.49
CA ALA A 156 -12.21 -12.22 -22.68
C ALA A 156 -11.85 -11.00 -23.51
N VAL A 157 -10.65 -11.04 -24.09
CA VAL A 157 -10.21 -9.98 -24.99
C VAL A 157 -10.09 -10.48 -26.41
N VAL A 158 -10.62 -9.69 -27.35
CA VAL A 158 -10.45 -9.96 -28.77
C VAL A 158 -9.34 -9.09 -29.31
N ILE A 159 -8.28 -9.74 -29.76
CA ILE A 159 -7.14 -9.09 -30.37
C ILE A 159 -7.28 -9.08 -31.89
N SER A 160 -7.50 -7.89 -32.44
CA SER A 160 -7.59 -7.71 -33.88
C SER A 160 -6.32 -7.03 -34.39
N CYS A 161 -5.42 -7.81 -34.97
CA CYS A 161 -4.18 -7.27 -35.53
C CYS A 161 -4.26 -7.16 -37.04
N ALA A 162 -4.17 -5.92 -37.51
CA ALA A 162 -4.02 -5.61 -38.91
C ALA A 162 -2.65 -4.98 -39.15
N LYS A 163 -2.46 -4.36 -40.31
CA LYS A 163 -1.16 -3.82 -40.68
C LYS A 163 -0.88 -2.49 -39.98
N ASP A 164 -1.91 -1.65 -39.89
CA ASP A 164 -1.78 -0.31 -39.32
C ASP A 164 -1.56 -0.33 -37.81
N GLY A 165 -2.37 -1.12 -37.11
CA GLY A 165 -2.33 -1.18 -35.66
C GLY A 165 -2.99 -2.42 -35.11
N VAL A 166 -3.10 -2.48 -33.78
CA VAL A 166 -3.74 -3.61 -33.14
C VAL A 166 -4.85 -3.12 -32.19
N LYS A 167 -5.96 -3.84 -32.15
CA LYS A 167 -7.09 -3.44 -31.30
C LYS A 167 -7.38 -4.50 -30.26
N PHE A 168 -7.64 -4.06 -29.03
CA PHE A 168 -8.02 -4.96 -27.96
C PHE A 168 -9.46 -4.65 -27.53
N SER A 169 -10.35 -5.61 -27.71
CA SER A 169 -11.77 -5.37 -27.45
C SER A 169 -12.31 -6.26 -26.34
N ALA A 170 -13.30 -5.76 -25.60
CA ALA A 170 -13.96 -6.56 -24.57
C ALA A 170 -15.38 -6.07 -24.37
N SER A 171 -16.26 -6.94 -23.89
CA SER A 171 -17.63 -6.54 -23.60
C SER A 171 -18.18 -7.37 -22.45
N GLY A 172 -18.98 -6.72 -21.61
CA GLY A 172 -19.58 -7.38 -20.47
C GLY A 172 -20.80 -6.63 -20.00
N GLU A 173 -21.16 -6.81 -18.74
CA GLU A 173 -22.35 -6.20 -18.16
C GLU A 173 -22.36 -4.68 -18.25
N LEU A 174 -21.21 -4.06 -17.99
CA LEU A 174 -21.10 -2.60 -18.01
C LEU A 174 -21.31 -2.05 -19.41
N GLY A 175 -20.93 -2.84 -20.40
CA GLY A 175 -20.90 -2.41 -21.77
C GLY A 175 -19.60 -2.90 -22.37
N ASN A 176 -19.13 -2.25 -23.43
CA ASN A 176 -17.90 -2.69 -24.07
C ASN A 176 -16.82 -1.61 -24.12
N GLY A 177 -15.62 -2.03 -24.52
CA GLY A 177 -14.48 -1.15 -24.66
C GLY A 177 -13.54 -1.62 -25.74
N ASN A 178 -12.98 -0.67 -26.48
CA ASN A 178 -11.98 -0.96 -27.50
C ASN A 178 -10.75 -0.10 -27.28
N ILE A 179 -9.58 -0.72 -27.25
CA ILE A 179 -8.34 0.01 -27.08
C ILE A 179 -7.46 -0.16 -28.31
N LYS A 180 -7.23 0.95 -29.01
CA LYS A 180 -6.47 0.95 -30.25
C LYS A 180 -5.04 1.39 -30.06
N LEU A 181 -4.11 0.57 -30.54
CA LEU A 181 -2.71 0.95 -30.58
C LEU A 181 -2.26 1.07 -32.02
N SER A 182 -1.93 2.28 -32.46
CA SER A 182 -1.34 2.46 -33.78
C SER A 182 0.13 2.09 -33.70
N GLN A 183 0.70 1.69 -34.84
CA GLN A 183 2.13 1.51 -34.90
C GLN A 183 2.78 2.87 -34.65
N THR A 184 3.82 2.88 -33.83
CA THR A 184 4.41 4.12 -33.37
C THR A 184 5.22 4.82 -34.45
N SER A 185 4.96 6.11 -34.62
CA SER A 185 5.71 6.93 -35.57
C SER A 185 6.52 7.97 -34.82
N ASN A 186 7.23 7.54 -33.78
CA ASN A 186 7.84 8.47 -32.84
C ASN A 186 9.36 8.36 -32.75
N VAL A 187 9.96 9.45 -32.29
CA VAL A 187 11.40 9.55 -32.06
C VAL A 187 11.69 8.80 -30.75
N ASP A 188 12.72 9.19 -29.98
CA ASP A 188 13.14 8.53 -28.74
C ASP A 188 13.91 7.26 -29.03
N LYS A 189 14.88 6.96 -28.18
CA LYS A 189 15.60 5.70 -28.27
C LYS A 189 15.18 4.83 -27.09
N GLU A 190 14.14 5.28 -26.38
CA GLU A 190 13.54 4.51 -25.30
C GLU A 190 12.70 3.38 -25.87
N GLU A 191 12.26 2.46 -25.00
CA GLU A 191 11.50 1.30 -25.44
C GLU A 191 9.99 1.42 -25.23
N GLU A 192 9.37 2.46 -25.79
CA GLU A 192 7.90 2.55 -25.72
C GLU A 192 7.26 2.50 -27.11
N ALA A 193 8.06 2.17 -28.12
CA ALA A 193 7.56 2.07 -29.48
C ALA A 193 6.74 0.80 -29.69
N VAL A 194 5.59 0.95 -30.34
CA VAL A 194 4.81 -0.21 -30.75
C VAL A 194 5.11 -0.51 -32.20
N THR A 195 5.69 -1.68 -32.46
CA THR A 195 6.02 -2.07 -33.83
C THR A 195 5.30 -3.36 -34.19
N ILE A 196 4.71 -3.38 -35.39
CA ILE A 196 3.97 -4.55 -35.84
C ILE A 196 4.53 -5.13 -37.12
N GLU A 197 4.89 -6.41 -37.05
CA GLU A 197 5.34 -7.16 -38.21
C GLU A 197 4.23 -8.14 -38.59
N MET A 198 3.47 -7.80 -39.64
CA MET A 198 2.33 -8.60 -40.06
C MET A 198 2.48 -9.21 -41.45
N ASN A 199 2.31 -10.52 -41.53
CA ASN A 199 2.22 -11.21 -42.82
C ASN A 199 0.77 -11.25 -43.27
N GLU A 200 -0.10 -11.63 -42.34
CA GLU A 200 -1.54 -11.66 -42.59
C GLU A 200 -2.27 -11.23 -41.34
N PRO A 201 -3.44 -10.59 -41.50
CA PRO A 201 -4.19 -10.08 -40.34
C PRO A 201 -4.84 -11.19 -39.53
N VAL A 202 -4.85 -11.05 -38.21
CA VAL A 202 -5.49 -12.05 -37.36
C VAL A 202 -6.51 -11.43 -36.43
N GLN A 203 -7.51 -12.22 -36.02
CA GLN A 203 -8.44 -11.80 -34.99
C GLN A 203 -8.72 -12.97 -34.07
N LEU A 204 -8.27 -12.87 -32.83
CA LEU A 204 -8.30 -14.01 -31.90
C LEU A 204 -8.80 -13.65 -30.52
N THR A 205 -9.39 -14.62 -29.81
CA THR A 205 -9.97 -14.35 -28.50
C THR A 205 -9.26 -15.11 -27.38
N PHE A 206 -8.94 -14.41 -26.29
CA PHE A 206 -8.20 -15.03 -25.19
C PHE A 206 -8.74 -14.65 -23.82
N ALA A 207 -8.55 -15.55 -22.86
CA ALA A 207 -9.02 -15.35 -21.50
C ALA A 207 -8.14 -14.35 -20.76
N LEU A 208 -8.74 -13.22 -20.39
CA LEU A 208 -8.02 -12.12 -19.76
C LEU A 208 -7.35 -12.48 -18.44
N ARG A 209 -7.94 -13.40 -17.69
CA ARG A 209 -7.40 -13.81 -16.39
C ARG A 209 -5.99 -14.37 -16.52
N TYR A 210 -5.82 -15.31 -17.46
CA TYR A 210 -4.52 -15.87 -17.73
C TYR A 210 -3.50 -14.80 -18.12
N LEU A 211 -3.93 -13.85 -18.95
CA LEU A 211 -3.05 -12.75 -19.37
C LEU A 211 -2.66 -11.88 -18.18
N ASN A 212 -3.58 -11.75 -17.22
CA ASN A 212 -3.33 -10.98 -16.01
C ASN A 212 -2.38 -11.72 -15.09
N PHE A 213 -2.29 -13.03 -15.25
CA PHE A 213 -1.22 -13.79 -14.61
C PHE A 213 0.09 -13.55 -15.34
N PHE A 214 0.03 -13.49 -16.67
CA PHE A 214 1.22 -13.31 -17.49
C PHE A 214 1.90 -11.99 -17.21
N THR A 215 1.10 -10.93 -17.06
CA THR A 215 1.61 -9.57 -16.93
C THR A 215 2.40 -9.34 -15.66
N LYS A 216 2.37 -10.30 -14.75
CA LYS A 216 3.15 -10.20 -13.53
C LYS A 216 4.64 -10.32 -13.81
N ALA A 217 5.00 -10.61 -15.05
CA ALA A 217 6.40 -10.68 -15.48
C ALA A 217 6.86 -9.34 -16.02
N THR A 218 5.99 -8.34 -15.96
CA THR A 218 6.30 -6.99 -16.45
C THR A 218 7.59 -6.41 -15.85
N PRO A 219 7.82 -6.58 -14.54
CA PRO A 219 9.08 -6.05 -13.99
C PRO A 219 10.33 -6.64 -14.63
N LEU A 220 10.23 -7.79 -15.28
CA LEU A 220 11.40 -8.45 -15.84
C LEU A 220 11.90 -7.82 -17.13
N SER A 221 11.00 -7.18 -17.88
CA SER A 221 11.37 -6.62 -19.19
C SER A 221 10.63 -5.33 -19.49
N SER A 222 11.27 -4.48 -20.30
CA SER A 222 10.68 -3.21 -20.71
C SER A 222 9.76 -3.37 -21.91
N THR A 223 9.94 -4.46 -22.66
CA THR A 223 9.03 -4.76 -23.77
C THR A 223 8.40 -6.16 -23.64
N VAL A 224 7.27 -6.33 -24.30
CA VAL A 224 6.64 -7.64 -24.45
C VAL A 224 6.36 -7.90 -25.93
N THR A 225 6.63 -9.13 -26.35
CA THR A 225 6.36 -9.55 -27.73
C THR A 225 5.19 -10.52 -27.79
N LEU A 226 4.19 -10.17 -28.60
CA LEU A 226 3.00 -11.02 -28.78
C LEU A 226 3.02 -11.65 -30.17
N SER A 227 2.94 -12.97 -30.24
CA SER A 227 2.98 -13.66 -31.53
C SER A 227 1.66 -14.38 -31.75
N MET A 228 1.09 -14.17 -32.94
CA MET A 228 -0.26 -14.63 -33.25
C MET A 228 -0.40 -15.24 -34.64
N SER A 229 -1.19 -16.31 -34.70
CA SER A 229 -1.66 -16.89 -35.95
C SER A 229 -3.04 -17.47 -35.69
N ALA A 230 -3.85 -17.59 -36.72
CA ALA A 230 -5.22 -18.07 -36.57
C ALA A 230 -5.27 -19.46 -35.94
N ASP A 231 -6.06 -19.58 -34.88
CA ASP A 231 -6.38 -20.86 -34.26
C ASP A 231 -5.20 -21.61 -33.62
N VAL A 232 -4.14 -20.87 -33.27
CA VAL A 232 -3.03 -21.44 -32.52
C VAL A 232 -2.85 -20.64 -31.24
N PRO A 233 -2.10 -21.17 -30.26
CA PRO A 233 -1.95 -20.40 -29.02
C PRO A 233 -1.11 -19.12 -29.18
N LEU A 234 -1.50 -18.09 -28.45
CA LEU A 234 -0.78 -16.83 -28.42
C LEU A 234 0.54 -17.00 -27.69
N VAL A 235 1.58 -16.32 -28.17
CA VAL A 235 2.83 -16.33 -27.44
C VAL A 235 3.12 -14.95 -26.85
N VAL A 236 3.14 -14.87 -25.53
CA VAL A 236 3.51 -13.65 -24.82
C VAL A 236 4.94 -13.81 -24.34
N GLU A 237 5.83 -12.91 -24.73
CA GLU A 237 7.25 -13.15 -24.54
C GLU A 237 7.98 -11.99 -23.88
N TYR A 238 8.57 -12.27 -22.73
CA TYR A 238 9.35 -11.29 -21.98
C TYR A 238 10.82 -11.69 -21.99
N LYS A 239 11.71 -10.73 -22.21
CA LYS A 239 13.12 -11.01 -22.08
C LYS A 239 13.49 -11.00 -20.60
N ILE A 240 14.23 -12.00 -20.17
CA ILE A 240 14.73 -12.00 -18.80
C ILE A 240 16.14 -11.44 -18.77
N ALA A 241 16.24 -10.23 -18.23
CA ALA A 241 17.44 -9.43 -18.29
C ALA A 241 17.98 -9.44 -19.71
N ASP A 242 19.11 -10.10 -19.87
CA ASP A 242 19.69 -10.31 -21.18
C ASP A 242 20.31 -11.69 -21.17
N MET A 243 19.91 -12.48 -20.19
CA MET A 243 20.46 -13.81 -20.01
C MET A 243 19.48 -14.87 -20.46
N GLY A 244 18.21 -14.51 -20.63
CA GLY A 244 17.26 -15.49 -21.10
C GLY A 244 15.89 -14.97 -21.48
N HIS A 245 14.89 -15.85 -21.44
CA HIS A 245 13.53 -15.43 -21.77
C HIS A 245 12.48 -16.18 -20.97
N LEU A 246 11.29 -15.58 -20.93
CA LEU A 246 10.12 -16.17 -20.31
C LEU A 246 8.99 -16.15 -21.34
N LYS A 247 8.52 -17.33 -21.73
CA LYS A 247 7.45 -17.44 -22.71
C LYS A 247 6.17 -18.01 -22.14
N TYR A 248 5.07 -17.31 -22.39
CA TYR A 248 3.76 -17.79 -22.03
C TYR A 248 2.99 -18.16 -23.29
N TYR A 249 2.44 -19.35 -23.32
CA TYR A 249 1.61 -19.77 -24.44
C TYR A 249 0.19 -19.87 -23.93
N LEU A 250 -0.76 -19.34 -24.69
CA LEU A 250 -2.14 -19.34 -24.24
C LEU A 250 -3.06 -19.87 -25.33
N ALA A 251 -3.69 -21.01 -25.06
CA ALA A 251 -4.68 -21.57 -25.97
C ALA A 251 -5.80 -20.56 -26.16
N PRO A 252 -6.26 -20.39 -27.39
CA PRO A 252 -7.29 -19.40 -27.70
C PRO A 252 -8.69 -19.88 -27.35
N LYS A 253 -9.66 -18.97 -27.40
CA LYS A 253 -11.04 -19.30 -27.14
C LYS A 253 -11.84 -19.34 -28.44
N PHE B 1 1.45 18.11 36.42
CA PHE B 1 2.39 17.53 35.48
C PHE B 1 2.23 18.08 34.07
N GLU B 2 3.35 18.50 33.48
CA GLU B 2 3.36 19.03 32.13
C GLU B 2 4.70 18.80 31.45
N ALA B 3 4.67 18.09 30.33
CA ALA B 3 5.89 17.81 29.58
C ALA B 3 5.77 18.22 28.11
N ARG B 4 6.66 19.08 27.65
CA ARG B 4 6.63 19.52 26.25
C ARG B 4 7.76 18.91 25.44
N LEU B 5 7.41 18.42 24.26
CA LEU B 5 8.36 17.76 23.37
C LEU B 5 8.21 18.29 21.94
N VAL B 6 9.25 18.96 21.44
CA VAL B 6 9.25 19.54 20.11
C VAL B 6 9.15 18.46 19.02
N GLN B 7 9.95 17.41 19.17
CA GLN B 7 9.86 16.26 18.27
C GLN B 7 8.70 15.34 18.67
N GLY B 8 7.48 15.78 18.42
CA GLY B 8 6.31 15.01 18.80
C GLY B 8 6.27 13.63 18.18
N SER B 9 6.85 13.50 16.98
CA SER B 9 6.88 12.25 16.23
C SER B 9 7.40 11.08 17.08
N ILE B 10 8.42 11.36 17.87
CA ILE B 10 8.96 10.40 18.85
C ILE B 10 7.83 9.67 19.55
N LEU B 11 6.97 10.43 20.23
CA LEU B 11 5.85 9.88 20.96
C LEU B 11 5.00 8.97 20.09
N LYS B 12 4.66 9.46 18.90
CA LYS B 12 3.88 8.69 17.95
C LYS B 12 4.52 7.32 17.79
N LYS B 13 5.81 7.33 17.46
CA LYS B 13 6.54 6.09 17.26
C LYS B 13 6.45 5.20 18.48
N VAL B 14 6.66 5.80 19.65
CA VAL B 14 6.63 5.06 20.89
C VAL B 14 5.34 4.25 20.97
N LEU B 15 4.23 4.89 20.67
CA LEU B 15 2.95 4.21 20.86
C LEU B 15 2.73 3.18 19.77
N GLU B 16 3.23 3.46 18.58
CA GLU B 16 3.13 2.47 17.51
C GLU B 16 3.95 1.25 17.93
N ALA B 17 4.95 1.47 18.78
CA ALA B 17 5.81 0.40 19.23
C ALA B 17 5.19 -0.39 20.39
N LEU B 18 4.12 0.14 20.99
CA LEU B 18 3.53 -0.50 22.17
C LEU B 18 2.09 -0.97 21.98
N LYS B 19 1.31 -0.25 21.18
CA LYS B 19 -0.14 -0.41 21.15
C LYS B 19 -0.64 -1.81 20.79
N ASP B 20 0.13 -2.55 20.02
CA ASP B 20 -0.30 -3.87 19.57
C ASP B 20 0.09 -4.96 20.56
N LEU B 21 1.24 -4.78 21.21
CA LEU B 21 1.74 -5.74 22.19
C LEU B 21 1.01 -5.60 23.52
N ILE B 22 0.86 -4.36 23.98
CA ILE B 22 0.15 -4.08 25.22
C ILE B 22 -0.96 -3.06 24.98
N ASN B 23 -2.17 -3.39 25.41
CA ASN B 23 -3.33 -2.53 25.21
C ASN B 23 -3.62 -1.66 26.42
N GLU B 24 -3.15 -2.09 27.58
CA GLU B 24 -3.24 -1.31 28.81
C GLU B 24 -1.90 -1.27 29.53
N ALA B 25 -1.53 -0.10 30.04
CA ALA B 25 -0.32 0.01 30.84
C ALA B 25 -0.44 1.16 31.82
N CYS B 26 0.34 1.12 32.89
CA CYS B 26 0.38 2.23 33.81
C CYS B 26 1.60 3.11 33.56
N TRP B 27 1.40 4.41 33.61
CA TRP B 27 2.48 5.35 33.42
C TRP B 27 2.92 5.96 34.74
N ASP B 28 4.14 5.64 35.15
CA ASP B 28 4.77 6.25 36.31
C ASP B 28 5.41 7.56 35.89
N ILE B 29 4.88 8.67 36.40
CA ILE B 29 5.49 9.96 36.11
C ILE B 29 6.11 10.52 37.37
N SER B 30 7.37 10.93 37.27
CA SER B 30 8.12 11.49 38.39
C SER B 30 9.05 12.61 37.93
N SER B 31 9.74 13.23 38.89
CA SER B 31 10.67 14.31 38.59
C SER B 31 11.81 13.79 37.71
N SER B 32 12.10 12.49 37.86
CA SER B 32 13.17 11.86 37.09
C SER B 32 12.73 11.66 35.66
N GLY B 33 11.41 11.60 35.45
CA GLY B 33 10.87 11.41 34.12
C GLY B 33 9.74 10.40 34.08
N VAL B 34 9.53 9.82 32.90
CA VAL B 34 8.45 8.87 32.68
C VAL B 34 8.94 7.42 32.53
N ASN B 35 8.40 6.53 33.35
CA ASN B 35 8.67 5.11 33.22
C ASN B 35 7.39 4.35 32.97
N LEU B 36 7.41 3.47 31.98
CA LEU B 36 6.33 2.52 31.77
C LEU B 36 6.89 1.12 31.88
N GLN B 37 6.10 0.19 32.40
CA GLN B 37 6.48 -1.20 32.42
C GLN B 37 5.24 -2.08 32.46
N SER B 38 5.15 -3.01 31.51
CA SER B 38 3.98 -3.87 31.42
C SER B 38 4.26 -5.13 30.62
N MET B 39 3.90 -6.27 31.19
CA MET B 39 3.96 -7.53 30.46
C MET B 39 2.78 -7.63 29.52
N ASP B 40 2.90 -8.45 28.49
CA ASP B 40 1.77 -8.67 27.59
C ASP B 40 0.85 -9.71 28.22
N SER B 41 -0.29 -9.94 27.59
CA SER B 41 -1.32 -10.83 28.14
C SER B 41 -0.79 -12.21 28.50
N SER B 42 0.06 -12.76 27.64
CA SER B 42 0.50 -14.14 27.80
C SER B 42 1.71 -14.31 28.72
N HIS B 43 2.17 -13.21 29.32
CA HIS B 43 3.27 -13.23 30.28
C HIS B 43 4.61 -13.70 29.71
N VAL B 44 4.72 -13.71 28.39
CA VAL B 44 5.94 -14.18 27.73
C VAL B 44 6.92 -13.03 27.50
N SER B 45 6.39 -11.85 27.23
CA SER B 45 7.23 -10.67 27.02
C SER B 45 6.93 -9.58 28.04
N LEU B 46 7.85 -8.63 28.16
CA LEU B 46 7.67 -7.50 29.05
C LEU B 46 8.21 -6.25 28.37
N VAL B 47 7.49 -5.14 28.50
CA VAL B 47 7.90 -3.89 27.90
C VAL B 47 8.32 -2.87 28.97
N GLN B 48 9.47 -2.24 28.76
CA GLN B 48 9.95 -1.22 29.70
C GLN B 48 10.43 0.04 28.97
N LEU B 49 9.69 1.13 29.17
CA LEU B 49 9.99 2.42 28.57
C LEU B 49 10.55 3.38 29.60
N THR B 50 11.63 4.07 29.26
CA THR B 50 12.15 5.12 30.13
C THR B 50 12.50 6.38 29.34
N LEU B 51 11.89 7.50 29.74
CA LEU B 51 12.14 8.79 29.14
C LEU B 51 12.54 9.74 30.25
N ARG B 52 13.81 10.10 30.30
CA ARG B 52 14.29 10.98 31.35
C ARG B 52 13.70 12.37 31.17
N SER B 53 13.35 12.99 32.29
CA SER B 53 12.72 14.31 32.29
C SER B 53 13.61 15.34 31.59
N GLU B 54 14.91 15.10 31.58
CA GLU B 54 15.87 15.99 30.96
C GLU B 54 15.77 15.95 29.43
N GLY B 55 15.13 14.90 28.92
CA GLY B 55 14.99 14.72 27.48
C GLY B 55 13.90 15.56 26.85
N PHE B 56 12.94 15.97 27.67
CA PHE B 56 11.85 16.81 27.20
C PHE B 56 12.28 18.27 27.11
N ASP B 57 11.76 18.99 26.12
CA ASP B 57 12.10 20.40 25.97
C ASP B 57 11.42 21.23 27.07
N THR B 58 10.48 20.60 27.77
CA THR B 58 9.95 21.16 29.01
C THR B 58 9.47 20.01 29.89
N TYR B 59 9.66 20.13 31.20
CA TYR B 59 9.16 19.11 32.11
C TYR B 59 8.88 19.67 33.50
N ARG B 60 7.72 19.35 34.03
CA ARG B 60 7.34 19.76 35.38
C ARG B 60 6.48 18.68 36.01
N CYS B 61 6.96 18.13 37.12
CA CYS B 61 6.20 17.10 37.84
C CYS B 61 6.22 17.41 39.33
N ASP B 62 5.04 17.60 39.91
CA ASP B 62 4.94 18.00 41.30
C ASP B 62 4.76 16.80 42.24
N ARG B 63 4.02 15.80 41.79
CA ARG B 63 3.81 14.60 42.57
C ARG B 63 4.17 13.34 41.80
N ASN B 64 4.55 12.28 42.53
CA ASN B 64 4.60 10.95 41.93
C ASN B 64 3.22 10.64 41.41
N LEU B 65 3.13 10.22 40.15
CA LEU B 65 1.84 9.95 39.53
C LEU B 65 1.84 8.57 38.87
N ALA B 66 0.69 7.91 38.88
CA ALA B 66 0.56 6.60 38.27
C ALA B 66 -0.74 6.47 37.51
N MET B 67 -0.71 6.80 36.22
CA MET B 67 -1.96 6.87 35.46
C MET B 67 -2.20 5.68 34.54
N GLY B 68 -3.36 5.06 34.69
CA GLY B 68 -3.73 3.93 33.85
C GLY B 68 -4.15 4.37 32.47
N VAL B 69 -3.50 3.81 31.46
CA VAL B 69 -3.73 4.24 30.10
C VAL B 69 -4.03 3.07 29.18
N ASN B 70 -5.08 3.24 28.37
CA ASN B 70 -5.36 2.35 27.27
C ASN B 70 -4.56 2.79 26.06
N LEU B 71 -3.56 1.99 25.69
CA LEU B 71 -2.60 2.39 24.67
C LEU B 71 -3.22 2.43 23.28
N THR B 72 -4.32 1.71 23.10
CA THR B 72 -5.05 1.75 21.83
C THR B 72 -5.64 3.14 21.60
N SER B 73 -6.36 3.63 22.62
CA SER B 73 -6.97 4.95 22.57
C SER B 73 -5.93 6.04 22.37
N MET B 74 -4.87 5.98 23.18
CA MET B 74 -3.80 6.95 23.09
C MET B 74 -3.11 6.90 21.74
N SER B 75 -3.04 5.70 21.16
CA SER B 75 -2.51 5.55 19.81
C SER B 75 -3.40 6.28 18.81
N LYS B 76 -4.70 6.10 18.97
CA LYS B 76 -5.68 6.79 18.13
C LYS B 76 -5.50 8.31 18.21
N ILE B 77 -5.28 8.81 19.41
CA ILE B 77 -5.10 10.24 19.62
C ILE B 77 -3.79 10.73 19.01
N LEU B 78 -2.72 9.95 19.16
CA LEU B 78 -1.44 10.32 18.59
C LEU B 78 -1.47 10.23 17.06
N LYS B 79 -2.43 9.48 16.52
CA LYS B 79 -2.58 9.40 15.06
C LYS B 79 -3.13 10.71 14.52
N CYS B 80 -3.80 11.47 15.37
CA CYS B 80 -4.30 12.77 15.00
C CYS B 80 -3.23 13.85 15.15
N ALA B 81 -2.06 13.44 15.63
CA ALA B 81 -0.91 14.35 15.72
C ALA B 81 -0.17 14.35 14.41
N GLY B 82 0.38 15.51 14.04
CA GLY B 82 1.21 15.62 12.86
C GLY B 82 2.63 15.16 13.18
N ASN B 83 3.41 14.87 12.15
CA ASN B 83 4.75 14.34 12.35
C ASN B 83 5.74 15.38 12.87
N GLU B 84 5.55 16.63 12.47
CA GLU B 84 6.43 17.70 12.95
C GLU B 84 5.77 18.51 14.05
N ASP B 85 4.66 18.02 14.57
CA ASP B 85 3.91 18.70 15.61
C ASP B 85 4.67 18.74 16.94
N ILE B 86 4.58 19.85 17.65
CA ILE B 86 5.09 19.94 19.00
C ILE B 86 4.03 19.42 19.97
N ILE B 87 4.35 18.34 20.69
CA ILE B 87 3.36 17.69 21.54
C ILE B 87 3.61 17.92 23.01
N THR B 88 2.58 18.37 23.72
CA THR B 88 2.65 18.59 25.15
C THR B 88 1.69 17.66 25.86
N LEU B 89 2.15 17.10 26.98
CA LEU B 89 1.32 16.28 27.83
C LEU B 89 1.00 17.08 29.08
N ARG B 90 -0.30 17.16 29.40
CA ARG B 90 -0.77 17.92 30.55
C ARG B 90 -1.57 17.03 31.49
N ALA B 91 -1.16 16.94 32.74
CA ALA B 91 -1.96 16.21 33.73
C ALA B 91 -2.72 17.20 34.58
N GLU B 92 -3.96 16.85 34.89
CA GLU B 92 -4.87 17.75 35.59
C GLU B 92 -4.37 18.17 36.96
N ASP B 93 -3.82 17.20 37.71
CA ASP B 93 -3.16 17.31 39.03
C ASP B 93 -3.84 16.32 39.97
N ASN B 94 -5.15 16.17 39.81
CA ASN B 94 -5.89 15.07 40.42
C ASN B 94 -5.86 13.91 39.44
N ALA B 95 -6.46 12.78 39.82
CA ALA B 95 -6.50 11.62 38.93
C ALA B 95 -7.80 11.60 38.12
N ASP B 96 -7.80 12.30 36.99
CA ASP B 96 -8.99 12.41 36.15
C ASP B 96 -8.73 11.98 34.70
N THR B 97 -8.15 12.88 33.91
CA THR B 97 -7.86 12.61 32.51
C THR B 97 -6.46 13.10 32.12
N LEU B 98 -5.95 12.59 31.00
CA LEU B 98 -4.66 13.05 30.48
C LEU B 98 -4.82 13.86 29.19
N ALA B 99 -4.32 15.09 29.22
CA ALA B 99 -4.43 15.97 28.06
C ALA B 99 -3.23 15.84 27.14
N LEU B 100 -3.51 15.80 25.84
CA LEU B 100 -2.50 15.80 24.81
C LEU B 100 -2.72 17.02 23.92
N VAL B 101 -1.68 17.81 23.70
CA VAL B 101 -1.81 19.03 22.94
C VAL B 101 -0.85 19.06 21.75
N PHE B 102 -1.40 19.11 20.55
CA PHE B 102 -0.60 19.10 19.34
C PHE B 102 -0.56 20.47 18.69
N GLU B 103 0.61 21.09 18.71
CA GLU B 103 0.81 22.36 18.04
C GLU B 103 1.42 22.13 16.67
N ALA B 104 0.69 22.50 15.63
CA ALA B 104 1.24 22.53 14.28
C ALA B 104 2.49 23.39 14.32
N PRO B 105 3.49 23.07 13.49
CA PRO B 105 4.78 23.74 13.61
C PRO B 105 4.66 25.25 13.47
N ASN B 106 3.64 25.73 12.75
CA ASN B 106 3.47 27.16 12.49
C ASN B 106 2.39 27.83 13.34
N GLN B 107 2.02 27.18 14.45
CA GLN B 107 1.23 27.81 15.53
C GLN B 107 -0.23 28.10 15.22
N GLU B 108 -0.66 27.99 13.97
CA GLU B 108 -2.03 28.40 13.64
C GLU B 108 -3.05 27.27 13.71
N LYS B 109 -2.57 26.04 13.83
CA LYS B 109 -3.46 24.92 14.15
C LYS B 109 -3.07 24.33 15.50
N VAL B 110 -4.01 24.31 16.43
CA VAL B 110 -3.77 23.70 17.73
C VAL B 110 -4.84 22.66 18.03
N SER B 111 -4.41 21.47 18.42
CA SER B 111 -5.34 20.41 18.77
C SER B 111 -5.22 20.09 20.25
N ASP B 112 -6.35 19.89 20.92
CA ASP B 112 -6.31 19.44 22.30
C ASP B 112 -7.24 18.25 22.48
N TYR B 113 -6.65 17.13 22.86
CA TYR B 113 -7.40 15.92 23.15
C TYR B 113 -7.32 15.65 24.64
N GLU B 114 -8.43 15.24 25.23
CA GLU B 114 -8.44 14.91 26.64
C GLU B 114 -8.88 13.45 26.79
N MET B 115 -7.92 12.61 27.17
CA MET B 115 -8.14 11.17 27.20
C MET B 115 -8.53 10.66 28.58
N LYS B 116 -9.61 9.88 28.63
CA LYS B 116 -10.03 9.25 29.87
C LYS B 116 -8.97 8.26 30.33
N LEU B 117 -8.62 8.33 31.60
CA LEU B 117 -7.63 7.43 32.16
C LEU B 117 -8.29 6.18 32.72
N MET B 118 -7.48 5.23 33.14
CA MET B 118 -7.98 4.01 33.77
C MET B 118 -7.41 3.89 35.17
N ASP B 119 -8.11 3.18 36.04
CA ASP B 119 -7.59 2.88 37.36
C ASP B 119 -7.01 1.46 37.34
N LEU B 120 -5.70 1.37 37.17
CA LEU B 120 -5.00 0.10 37.16
C LEU B 120 -4.16 -0.03 38.41
N ASP B 121 -4.05 -1.24 38.95
CA ASP B 121 -3.21 -1.43 40.12
C ASP B 121 -1.81 -1.86 39.68
N VAL B 122 -0.85 -0.96 39.85
CA VAL B 122 0.53 -1.17 39.45
C VAL B 122 1.23 -2.17 40.36
N GLU B 123 2.32 -2.77 39.87
CA GLU B 123 3.11 -3.69 40.68
C GLU B 123 4.53 -3.99 40.15
N GLN B 124 5.20 -4.90 40.85
CA GLN B 124 6.37 -5.63 40.37
C GLN B 124 7.63 -4.80 40.14
N LEU B 125 7.66 -4.08 39.01
CA LEU B 125 8.75 -3.17 38.66
C LEU B 125 10.07 -3.86 38.28
N GLY B 126 10.21 -5.15 38.58
CA GLY B 126 11.53 -5.77 38.51
C GLY B 126 11.82 -7.01 37.68
N ILE B 127 12.43 -6.82 36.50
CA ILE B 127 13.15 -7.89 35.81
C ILE B 127 14.50 -7.90 36.55
N PRO B 128 15.22 -9.04 36.57
CA PRO B 128 16.23 -9.08 37.63
C PRO B 128 17.60 -8.45 37.40
N GLU B 129 17.89 -7.88 36.23
CA GLU B 129 19.14 -7.15 35.98
C GLU B 129 20.46 -7.96 36.01
N GLN B 130 20.85 -8.48 34.85
CA GLN B 130 21.96 -9.43 34.74
C GLN B 130 23.24 -8.83 34.16
N GLU B 131 24.31 -9.62 34.15
CA GLU B 131 25.49 -9.36 33.33
C GLU B 131 25.51 -10.46 32.29
N TYR B 132 25.36 -10.09 31.02
CA TYR B 132 25.05 -11.08 29.99
C TYR B 132 26.25 -11.72 29.30
N SER B 133 26.08 -12.98 28.93
CA SER B 133 27.11 -13.75 28.25
C SER B 133 27.38 -13.18 26.86
N CYS B 134 26.35 -12.63 26.23
CA CYS B 134 26.50 -12.06 24.90
C CYS B 134 25.72 -10.77 24.72
N VAL B 135 26.37 -9.77 24.12
CA VAL B 135 25.70 -8.53 23.76
C VAL B 135 25.99 -8.21 22.29
N VAL B 136 24.96 -8.24 21.46
CA VAL B 136 25.11 -7.98 20.04
C VAL B 136 24.49 -6.64 19.68
N LYS B 137 25.26 -5.75 19.07
CA LYS B 137 24.68 -4.52 18.57
C LYS B 137 24.66 -4.52 17.04
N MET B 138 23.50 -4.18 16.47
CA MET B 138 23.34 -4.20 15.02
C MET B 138 22.39 -3.11 14.55
N PRO B 139 22.30 -2.89 13.23
CA PRO B 139 21.25 -2.00 12.74
C PRO B 139 19.86 -2.55 13.06
N SER B 140 18.93 -1.65 13.38
CA SER B 140 17.57 -2.04 13.72
C SER B 140 16.82 -2.63 12.52
N GLY B 141 16.97 -1.99 11.37
CA GLY B 141 16.33 -2.43 10.15
C GLY B 141 16.73 -3.84 9.78
N GLU B 142 18.01 -4.16 9.98
CA GLU B 142 18.53 -5.48 9.71
C GLU B 142 17.85 -6.53 10.58
N PHE B 143 17.70 -6.21 11.86
CA PHE B 143 17.01 -7.08 12.82
C PHE B 143 15.57 -7.32 12.38
N ALA B 144 14.88 -6.24 12.06
CA ALA B 144 13.50 -6.32 11.61
C ALA B 144 13.37 -7.25 10.41
N ARG B 145 14.26 -7.06 9.44
CA ARG B 145 14.28 -7.88 8.24
C ARG B 145 14.54 -9.35 8.56
N ILE B 146 15.45 -9.60 9.50
CA ILE B 146 15.80 -10.96 9.87
C ILE B 146 14.63 -11.71 10.50
N CYS B 147 13.99 -11.08 11.48
CA CYS B 147 12.81 -11.67 12.11
C CYS B 147 11.70 -11.91 11.08
N ARG B 148 11.42 -10.88 10.30
CA ARG B 148 10.40 -10.95 9.25
C ARG B 148 10.64 -12.14 8.32
N ASP B 149 11.87 -12.24 7.83
CA ASP B 149 12.26 -13.30 6.92
C ASP B 149 12.12 -14.69 7.53
N LEU B 150 12.69 -14.89 8.71
CA LEU B 150 12.70 -16.21 9.31
C LEU B 150 11.32 -16.63 9.80
N SER B 151 10.40 -15.67 9.92
CA SER B 151 9.03 -16.01 10.27
C SER B 151 8.36 -16.70 9.08
N HIS B 152 8.91 -16.48 7.89
CA HIS B 152 8.46 -17.18 6.70
C HIS B 152 8.83 -18.66 6.77
N ILE B 153 9.92 -18.97 7.47
CA ILE B 153 10.44 -20.33 7.52
C ILE B 153 9.90 -21.12 8.71
N GLY B 154 10.01 -20.55 9.90
CA GLY B 154 9.55 -21.22 11.10
C GLY B 154 8.89 -20.27 12.07
N ASP B 155 8.39 -20.83 13.18
CA ASP B 155 7.67 -20.03 14.17
C ASP B 155 8.61 -19.65 15.31
N ALA B 156 9.73 -20.36 15.40
CA ALA B 156 10.74 -20.07 16.41
C ALA B 156 12.11 -19.83 15.79
N VAL B 157 12.96 -19.07 16.48
CA VAL B 157 14.31 -18.77 16.01
C VAL B 157 15.37 -19.18 17.03
N VAL B 158 16.44 -19.83 16.55
CA VAL B 158 17.58 -20.17 17.38
C VAL B 158 18.72 -19.20 17.14
N ILE B 159 19.01 -18.38 18.15
CA ILE B 159 20.14 -17.47 18.10
C ILE B 159 21.38 -18.15 18.67
N SER B 160 22.36 -18.40 17.81
CA SER B 160 23.63 -19.01 18.23
C SER B 160 24.75 -17.99 18.14
N CYS B 161 25.18 -17.47 19.28
CA CYS B 161 26.24 -16.47 19.28
C CYS B 161 27.58 -17.05 19.72
N ALA B 162 28.58 -16.83 18.87
CA ALA B 162 29.97 -17.11 19.19
C ALA B 162 30.79 -15.84 19.00
N LYS B 163 32.10 -15.94 19.18
CA LYS B 163 32.98 -14.78 19.15
C LYS B 163 33.05 -14.12 17.77
N ASP B 164 33.17 -14.94 16.73
CA ASP B 164 33.26 -14.45 15.36
C ASP B 164 31.99 -13.70 14.93
N GLY B 165 30.85 -14.38 15.04
CA GLY B 165 29.57 -13.81 14.63
C GLY B 165 28.35 -14.37 15.35
N VAL B 166 27.18 -14.00 14.86
CA VAL B 166 25.93 -14.51 15.42
C VAL B 166 25.15 -15.20 14.30
N LYS B 167 24.40 -16.24 14.65
CA LYS B 167 23.60 -16.97 13.68
C LYS B 167 22.14 -16.99 14.08
N PHE B 168 21.24 -16.85 13.09
CA PHE B 168 19.81 -16.94 13.34
C PHE B 168 19.20 -18.08 12.52
N SER B 169 18.79 -19.17 13.17
CA SER B 169 18.29 -20.35 12.45
C SER B 169 16.80 -20.60 12.65
N ALA B 170 16.09 -20.92 11.57
CA ALA B 170 14.68 -21.25 11.69
C ALA B 170 14.41 -22.50 10.88
N SER B 171 13.39 -23.26 11.30
CA SER B 171 13.04 -24.49 10.63
C SER B 171 11.52 -24.66 10.60
N GLY B 172 11.01 -25.08 9.44
CA GLY B 172 9.58 -25.33 9.30
C GLY B 172 9.26 -26.35 8.23
N GLU B 173 8.04 -26.31 7.72
CA GLU B 173 7.64 -27.26 6.68
C GLU B 173 8.08 -26.83 5.28
N LEU B 174 8.75 -25.70 5.20
CA LEU B 174 9.31 -25.27 3.93
C LEU B 174 10.72 -25.81 3.77
N GLY B 175 11.38 -25.96 4.92
CA GLY B 175 12.78 -26.31 4.97
C GLY B 175 13.36 -25.52 6.14
N ASN B 176 14.60 -25.09 6.02
CA ASN B 176 15.20 -24.25 7.06
C ASN B 176 16.06 -23.14 6.49
N GLY B 177 16.39 -22.18 7.34
CA GLY B 177 17.19 -21.04 6.94
C GLY B 177 18.11 -20.54 8.03
N ASN B 178 19.34 -20.20 7.64
CA ASN B 178 20.31 -19.61 8.55
C ASN B 178 20.70 -18.21 8.08
N ILE B 179 20.73 -17.26 9.00
CA ILE B 179 21.21 -15.92 8.67
C ILE B 179 22.42 -15.62 9.55
N LYS B 180 23.59 -15.60 8.93
CA LYS B 180 24.84 -15.41 9.65
C LYS B 180 25.33 -13.99 9.53
N LEU B 181 25.52 -13.33 10.67
CA LEU B 181 26.08 -12.00 10.72
C LEU B 181 27.48 -11.99 11.35
N SER B 182 28.48 -11.61 10.56
CA SER B 182 29.85 -11.53 11.05
C SER B 182 30.10 -10.20 11.75
N GLN B 183 30.95 -10.22 12.77
CA GLN B 183 31.27 -8.98 13.49
C GLN B 183 32.10 -8.03 12.63
N THR B 184 31.69 -6.77 12.61
CA THR B 184 32.48 -5.72 11.99
C THR B 184 33.57 -5.29 12.99
N SER B 185 34.82 -5.47 12.59
CA SER B 185 35.95 -5.34 13.52
C SER B 185 36.74 -4.05 13.33
N ASN B 186 37.85 -4.11 12.59
CA ASN B 186 38.66 -2.94 12.31
C ASN B 186 38.12 -2.17 11.12
N VAL B 187 37.17 -2.77 10.41
CA VAL B 187 36.50 -2.08 9.31
C VAL B 187 35.65 -0.96 9.90
N ASP B 188 35.80 0.25 9.37
CA ASP B 188 35.16 1.39 10.01
C ASP B 188 33.67 1.42 9.68
N LYS B 189 32.89 1.03 10.69
CA LYS B 189 31.45 1.14 10.66
C LYS B 189 31.05 1.59 12.06
N GLU B 190 29.99 2.40 12.14
CA GLU B 190 29.54 2.92 13.42
C GLU B 190 28.10 2.54 13.69
N GLU B 191 27.18 3.31 13.12
CA GLU B 191 25.75 3.03 13.21
C GLU B 191 25.43 1.67 12.61
N GLU B 192 26.13 1.33 11.53
CA GLU B 192 25.84 0.11 10.81
C GLU B 192 26.90 -0.96 11.02
N ALA B 193 27.58 -0.89 12.17
CA ALA B 193 28.50 -1.94 12.57
C ALA B 193 27.73 -3.03 13.26
N VAL B 194 28.22 -4.26 13.16
CA VAL B 194 27.73 -5.35 14.00
C VAL B 194 28.82 -5.64 15.02
N THR B 195 28.58 -5.27 16.27
CA THR B 195 29.61 -5.45 17.29
C THR B 195 29.17 -6.42 18.37
N ILE B 196 29.96 -7.45 18.58
CA ILE B 196 29.62 -8.53 19.50
C ILE B 196 30.53 -8.58 20.71
N GLU B 197 29.93 -8.43 21.88
CA GLU B 197 30.59 -8.57 23.17
C GLU B 197 30.28 -9.95 23.76
N MET B 198 31.23 -10.87 23.72
CA MET B 198 30.91 -12.22 24.17
C MET B 198 31.82 -12.71 25.31
N ASN B 199 31.17 -13.19 26.38
CA ASN B 199 31.86 -13.79 27.51
C ASN B 199 31.88 -15.30 27.35
N GLU B 200 30.70 -15.86 27.11
CA GLU B 200 30.56 -17.28 26.82
C GLU B 200 29.66 -17.44 25.60
N PRO B 201 29.83 -18.54 24.83
CA PRO B 201 28.94 -18.77 23.70
C PRO B 201 27.51 -19.05 24.15
N VAL B 202 26.51 -18.58 23.40
CA VAL B 202 25.12 -18.86 23.76
C VAL B 202 24.37 -19.46 22.59
N GLN B 203 23.28 -20.18 22.88
CA GLN B 203 22.42 -20.73 21.84
C GLN B 203 20.99 -20.84 22.36
N LEU B 204 20.22 -19.77 22.19
CA LEU B 204 18.88 -19.72 22.78
C LEU B 204 17.79 -19.82 21.73
N THR B 205 16.58 -20.14 22.15
CA THR B 205 15.44 -20.27 21.24
C THR B 205 14.28 -19.35 21.67
N PHE B 206 13.74 -18.59 20.72
CA PHE B 206 12.68 -17.63 21.04
C PHE B 206 11.56 -17.65 20.02
N ALA B 207 10.37 -17.20 20.41
CA ALA B 207 9.22 -17.18 19.53
C ALA B 207 9.25 -15.97 18.59
N LEU B 208 9.30 -16.23 17.28
CA LEU B 208 9.48 -15.18 16.28
C LEU B 208 8.38 -14.13 16.24
N ARG B 209 7.17 -14.53 16.63
CA ARG B 209 6.04 -13.62 16.63
C ARG B 209 6.28 -12.41 17.51
N TYR B 210 6.73 -12.67 18.74
CA TYR B 210 7.01 -11.61 19.70
C TYR B 210 8.08 -10.67 19.19
N LEU B 211 9.14 -11.23 18.60
CA LEU B 211 10.21 -10.42 18.03
C LEU B 211 9.67 -9.52 16.92
N ASN B 212 8.79 -10.08 16.09
CA ASN B 212 8.17 -9.32 15.02
C ASN B 212 7.26 -8.22 15.57
N PHE B 213 6.83 -8.37 16.82
CA PHE B 213 6.19 -7.25 17.53
C PHE B 213 7.22 -6.21 17.98
N PHE B 214 8.36 -6.68 18.49
CA PHE B 214 9.39 -5.79 19.03
C PHE B 214 9.96 -4.87 17.96
N THR B 215 10.07 -5.40 16.74
CA THR B 215 10.67 -4.65 15.63
C THR B 215 9.84 -3.45 15.19
N LYS B 216 8.68 -3.28 15.80
CA LYS B 216 7.84 -2.11 15.55
C LYS B 216 8.42 -0.87 16.20
N ALA B 217 9.49 -1.04 16.97
CA ALA B 217 10.20 0.08 17.58
C ALA B 217 11.36 0.53 16.71
N THR B 218 11.55 -0.14 15.58
CA THR B 218 12.61 0.18 14.64
C THR B 218 12.72 1.68 14.27
N PRO B 219 11.58 2.36 14.03
CA PRO B 219 11.72 3.77 13.68
C PRO B 219 12.31 4.64 14.80
N LEU B 220 12.31 4.16 16.03
CA LEU B 220 12.81 4.93 17.15
C LEU B 220 14.34 5.00 17.20
N SER B 221 15.00 4.00 16.63
CA SER B 221 16.45 3.88 16.77
C SER B 221 17.09 3.19 15.56
N SER B 222 18.27 3.67 15.16
CA SER B 222 18.96 3.12 14.00
C SER B 222 19.72 1.83 14.35
N THR B 223 19.85 1.58 15.65
CA THR B 223 20.43 0.33 16.13
C THR B 223 19.55 -0.38 17.14
N VAL B 224 19.69 -1.70 17.19
CA VAL B 224 19.07 -2.50 18.22
C VAL B 224 20.16 -3.28 18.95
N THR B 225 19.97 -3.44 20.26
CA THR B 225 20.95 -4.13 21.10
C THR B 225 20.35 -5.35 21.77
N LEU B 226 20.91 -6.52 21.47
CA LEU B 226 20.41 -7.78 22.02
C LEU B 226 21.31 -8.27 23.14
N SER B 227 20.74 -8.42 24.33
CA SER B 227 21.46 -8.98 25.46
C SER B 227 20.95 -10.38 25.76
N MET B 228 21.88 -11.32 25.80
CA MET B 228 21.60 -12.75 25.94
C MET B 228 22.42 -13.45 27.02
N SER B 229 21.74 -14.26 27.82
CA SER B 229 22.37 -15.28 28.66
C SER B 229 21.48 -16.51 28.60
N ALA B 230 22.04 -17.67 28.90
CA ALA B 230 21.29 -18.92 28.82
C ALA B 230 20.21 -19.01 29.89
N ASP B 231 19.08 -19.61 29.51
CA ASP B 231 17.96 -19.89 30.43
C ASP B 231 17.39 -18.66 31.13
N VAL B 232 17.65 -17.48 30.57
CA VAL B 232 17.07 -16.24 31.08
C VAL B 232 16.49 -15.46 29.90
N PRO B 233 15.61 -14.49 30.17
CA PRO B 233 14.98 -13.76 29.06
C PRO B 233 15.96 -12.90 28.24
N LEU B 234 15.62 -12.71 26.97
CA LEU B 234 16.39 -11.88 26.06
C LEU B 234 16.01 -10.41 26.19
N VAL B 235 16.99 -9.52 26.05
CA VAL B 235 16.69 -8.09 26.10
C VAL B 235 16.92 -7.46 24.73
N VAL B 236 15.85 -6.92 24.16
CA VAL B 236 15.92 -6.23 22.89
C VAL B 236 15.76 -4.74 23.13
N GLU B 237 16.85 -4.00 22.96
CA GLU B 237 16.91 -2.60 23.38
C GLU B 237 16.99 -1.61 22.23
N TYR B 238 16.06 -0.66 22.24
CA TYR B 238 16.06 0.46 21.30
C TYR B 238 16.32 1.74 22.07
N LYS B 239 17.32 2.51 21.67
CA LYS B 239 17.56 3.80 22.31
C LYS B 239 16.64 4.86 21.76
N ILE B 240 15.90 5.52 22.64
CA ILE B 240 15.10 6.67 22.23
C ILE B 240 16.01 7.88 22.26
N ALA B 241 16.48 8.24 21.07
CA ALA B 241 17.56 9.21 20.84
C ALA B 241 17.67 10.33 21.87
N ASP B 242 18.66 10.18 22.76
CA ASP B 242 19.10 11.18 23.74
C ASP B 242 18.25 11.30 25.00
N MET B 243 16.99 10.84 24.94
CA MET B 243 16.13 11.00 26.12
C MET B 243 15.83 9.70 26.85
N GLY B 244 16.19 8.56 26.28
CA GLY B 244 16.03 7.32 27.02
C GLY B 244 16.07 6.04 26.23
N HIS B 245 15.18 5.09 26.57
CA HIS B 245 15.18 3.80 25.90
C HIS B 245 13.85 3.08 25.99
N LEU B 246 13.72 2.04 25.18
CA LEU B 246 12.56 1.17 25.14
C LEU B 246 13.10 -0.25 24.98
N LYS B 247 12.95 -1.06 26.02
CA LYS B 247 13.49 -2.41 25.98
C LYS B 247 12.41 -3.48 26.17
N TYR B 248 12.56 -4.57 25.43
CA TYR B 248 11.65 -5.70 25.50
C TYR B 248 12.36 -6.92 26.08
N TYR B 249 11.78 -7.51 27.10
CA TYR B 249 12.29 -8.78 27.63
C TYR B 249 11.45 -9.92 27.07
N LEU B 250 12.10 -11.02 26.69
CA LEU B 250 11.39 -12.14 26.12
C LEU B 250 11.81 -13.47 26.75
N ALA B 251 10.87 -14.15 27.40
CA ALA B 251 11.12 -15.46 27.97
C ALA B 251 11.52 -16.45 26.88
N PRO B 252 12.52 -17.30 27.16
CA PRO B 252 13.08 -18.16 26.14
C PRO B 252 12.29 -19.44 25.88
N LYS B 253 12.73 -20.20 24.89
CA LYS B 253 12.16 -21.50 24.56
C LYS B 253 13.23 -22.56 24.50
N PHE C 1 -25.15 15.08 -28.51
CA PHE C 1 -24.30 15.56 -27.41
C PHE C 1 -22.86 15.08 -27.54
N GLU C 2 -21.93 16.02 -27.58
CA GLU C 2 -20.51 15.70 -27.58
C GLU C 2 -19.72 16.71 -26.77
N ALA C 3 -18.98 16.22 -25.77
CA ALA C 3 -18.22 17.12 -24.91
C ALA C 3 -16.79 16.63 -24.71
N ARG C 4 -15.81 17.42 -25.14
CA ARG C 4 -14.42 16.98 -25.05
C ARG C 4 -13.62 17.81 -24.05
N LEU C 5 -12.80 17.12 -23.26
CA LEU C 5 -12.02 17.74 -22.21
C LEU C 5 -10.58 17.28 -22.29
N VAL C 6 -9.68 18.21 -22.60
CA VAL C 6 -8.24 17.94 -22.73
C VAL C 6 -7.66 17.44 -21.41
N GLN C 7 -8.10 18.05 -20.31
CA GLN C 7 -7.67 17.64 -18.98
C GLN C 7 -8.58 16.56 -18.41
N GLY C 8 -8.38 15.32 -18.88
CA GLY C 8 -9.24 14.22 -18.50
C GLY C 8 -9.21 13.90 -17.02
N SER C 9 -8.06 14.14 -16.39
CA SER C 9 -7.86 13.89 -14.97
C SER C 9 -9.02 14.41 -14.13
N ILE C 10 -9.43 15.64 -14.43
CA ILE C 10 -10.52 16.30 -13.73
C ILE C 10 -11.74 15.39 -13.68
N LEU C 11 -12.15 14.91 -14.86
CA LEU C 11 -13.30 14.04 -14.95
C LEU C 11 -13.09 12.82 -14.07
N LYS C 12 -11.92 12.20 -14.20
CA LYS C 12 -11.56 11.07 -13.35
C LYS C 12 -11.78 11.49 -11.91
N LYS C 13 -11.16 12.60 -11.54
CA LYS C 13 -11.19 13.10 -10.17
C LYS C 13 -12.62 13.35 -9.69
N VAL C 14 -13.50 13.76 -10.61
CA VAL C 14 -14.86 14.05 -10.21
C VAL C 14 -15.57 12.74 -9.88
N LEU C 15 -15.37 11.73 -10.72
CA LEU C 15 -16.10 10.47 -10.55
C LEU C 15 -15.68 9.81 -9.25
N GLU C 16 -14.38 9.86 -8.97
CA GLU C 16 -13.84 9.37 -7.72
C GLU C 16 -14.53 10.06 -6.55
N ALA C 17 -14.78 11.36 -6.71
CA ALA C 17 -15.38 12.14 -5.66
C ALA C 17 -16.86 11.79 -5.46
N LEU C 18 -17.47 11.16 -6.47
CA LEU C 18 -18.92 10.93 -6.44
C LEU C 18 -19.32 9.46 -6.26
N LYS C 19 -18.61 8.58 -6.95
CA LYS C 19 -19.06 7.20 -7.13
C LYS C 19 -19.40 6.44 -5.85
N ASP C 20 -18.71 6.74 -4.75
CA ASP C 20 -18.92 6.02 -3.50
C ASP C 20 -20.12 6.58 -2.74
N LEU C 21 -20.34 7.89 -2.85
CA LEU C 21 -21.45 8.53 -2.16
C LEU C 21 -22.76 8.32 -2.89
N ILE C 22 -22.72 8.45 -4.22
CA ILE C 22 -23.90 8.20 -5.04
C ILE C 22 -23.56 7.25 -6.17
N ASN C 23 -24.15 6.06 -6.14
CA ASN C 23 -23.88 5.03 -7.14
C ASN C 23 -24.57 5.34 -8.47
N GLU C 24 -25.74 5.94 -8.38
CA GLU C 24 -26.56 6.20 -9.56
C GLU C 24 -27.09 7.62 -9.58
N ALA C 25 -26.69 8.39 -10.59
CA ALA C 25 -27.15 9.77 -10.71
C ALA C 25 -27.56 10.07 -12.14
N CYS C 26 -28.43 11.06 -12.31
CA CYS C 26 -28.86 11.48 -13.63
C CYS C 26 -28.19 12.78 -14.05
N TRP C 27 -27.50 12.73 -15.18
CA TRP C 27 -26.82 13.89 -15.73
C TRP C 27 -27.80 14.71 -16.57
N ASP C 28 -27.91 15.99 -16.24
CA ASP C 28 -28.71 16.90 -17.04
C ASP C 28 -27.79 17.69 -17.96
N ILE C 29 -27.87 17.44 -19.25
CA ILE C 29 -27.02 18.10 -20.22
C ILE C 29 -27.79 19.13 -21.05
N SER C 30 -27.24 20.34 -21.12
CA SER C 30 -27.77 21.38 -21.98
C SER C 30 -26.61 22.18 -22.56
N SER C 31 -26.90 23.21 -23.34
CA SER C 31 -25.84 24.02 -23.93
C SER C 31 -25.16 24.90 -22.88
N SER C 32 -25.81 25.04 -21.73
CA SER C 32 -25.21 25.73 -20.59
C SER C 32 -24.12 24.86 -19.99
N GLY C 33 -24.34 23.55 -20.06
CA GLY C 33 -23.36 22.59 -19.58
C GLY C 33 -23.99 21.40 -18.87
N VAL C 34 -23.17 20.71 -18.09
CA VAL C 34 -23.64 19.55 -17.35
C VAL C 34 -24.00 19.90 -15.91
N ASN C 35 -25.17 19.46 -15.48
CA ASN C 35 -25.56 19.56 -14.09
C ASN C 35 -25.96 18.18 -13.57
N LEU C 36 -25.16 17.65 -12.66
CA LEU C 36 -25.50 16.39 -12.01
C LEU C 36 -26.04 16.70 -10.61
N GLN C 37 -27.04 15.96 -10.17
CA GLN C 37 -27.60 16.20 -8.84
C GLN C 37 -28.27 14.96 -8.29
N SER C 38 -27.95 14.63 -7.03
CA SER C 38 -28.47 13.40 -6.43
C SER C 38 -28.33 13.40 -4.93
N MET C 39 -29.24 12.68 -4.25
CA MET C 39 -29.08 12.43 -2.83
C MET C 39 -28.45 11.06 -2.65
N ASP C 40 -27.90 10.79 -1.48
CA ASP C 40 -27.42 9.44 -1.19
C ASP C 40 -28.65 8.62 -0.81
N SER C 41 -28.48 7.31 -0.64
CA SER C 41 -29.61 6.43 -0.39
C SER C 41 -30.33 6.75 0.91
N SER C 42 -29.61 7.32 1.87
CA SER C 42 -30.19 7.65 3.16
C SER C 42 -30.88 9.01 3.15
N HIS C 43 -30.71 9.73 2.04
CA HIS C 43 -31.31 11.04 1.86
C HIS C 43 -30.87 12.06 2.90
N VAL C 44 -29.70 11.85 3.49
CA VAL C 44 -29.16 12.82 4.44
C VAL C 44 -28.36 13.91 3.72
N SER C 45 -27.63 13.53 2.67
CA SER C 45 -26.79 14.48 1.97
C SER C 45 -27.20 14.66 0.52
N LEU C 46 -26.70 15.74 -0.09
CA LEU C 46 -27.08 16.13 -1.43
C LEU C 46 -25.86 16.57 -2.23
N VAL C 47 -25.54 15.85 -3.30
CA VAL C 47 -24.45 16.26 -4.16
C VAL C 47 -24.97 17.00 -5.39
N GLN C 48 -24.38 18.17 -5.64
CA GLN C 48 -24.70 19.01 -6.79
C GLN C 48 -23.43 19.38 -7.56
N LEU C 49 -23.29 18.80 -8.75
CA LEU C 49 -22.17 19.07 -9.64
C LEU C 49 -22.58 19.98 -10.78
N THR C 50 -21.77 20.99 -11.05
CA THR C 50 -21.99 21.83 -12.22
C THR C 50 -20.70 21.98 -13.02
N LEU C 51 -20.81 21.76 -14.33
CA LEU C 51 -19.71 21.91 -15.27
C LEU C 51 -20.19 22.71 -16.48
N ARG C 52 -19.93 24.01 -16.48
CA ARG C 52 -20.44 24.88 -17.55
C ARG C 52 -19.72 24.58 -18.87
N SER C 53 -20.44 24.79 -19.97
CA SER C 53 -19.96 24.40 -21.30
C SER C 53 -18.67 25.09 -21.74
N GLU C 54 -18.44 26.32 -21.27
CA GLU C 54 -17.26 27.08 -21.67
C GLU C 54 -15.96 26.44 -21.21
N GLY C 55 -16.04 25.62 -20.17
CA GLY C 55 -14.86 24.94 -19.64
C GLY C 55 -14.37 23.82 -20.53
N PHE C 56 -15.27 23.28 -21.34
CA PHE C 56 -14.92 22.23 -22.30
C PHE C 56 -14.29 22.84 -23.53
N ASP C 57 -13.42 22.07 -24.18
CA ASP C 57 -12.70 22.57 -25.33
C ASP C 57 -13.53 22.42 -26.60
N THR C 58 -14.51 21.51 -26.57
CA THR C 58 -15.60 21.52 -27.55
C THR C 58 -16.86 20.96 -26.89
N TYR C 59 -17.99 21.59 -27.21
CA TYR C 59 -19.27 21.25 -26.60
C TYR C 59 -20.44 21.37 -27.58
N ARG C 60 -21.18 20.28 -27.75
CA ARG C 60 -22.35 20.24 -28.61
C ARG C 60 -23.52 19.61 -27.85
N CYS C 61 -24.68 20.25 -27.90
CA CYS C 61 -25.89 19.69 -27.31
C CYS C 61 -27.16 20.15 -28.02
N ASP C 62 -27.59 19.40 -29.03
CA ASP C 62 -28.79 19.73 -29.79
C ASP C 62 -30.00 19.95 -28.88
N ARG C 63 -30.28 18.96 -28.05
CA ARG C 63 -31.50 18.93 -27.26
C ARG C 63 -31.17 18.67 -25.81
N ASN C 64 -31.86 19.37 -24.91
CA ASN C 64 -31.68 19.13 -23.48
C ASN C 64 -31.91 17.65 -23.18
N LEU C 65 -30.96 17.06 -22.47
CA LEU C 65 -30.80 15.61 -22.46
C LEU C 65 -30.59 15.07 -21.05
N ALA C 66 -31.23 13.96 -20.71
CA ALA C 66 -31.11 13.41 -19.37
C ALA C 66 -30.61 11.97 -19.38
N MET C 67 -29.42 11.75 -18.82
CA MET C 67 -28.81 10.42 -18.85
C MET C 67 -28.75 9.75 -17.49
N GLY C 68 -29.37 8.58 -17.37
CA GLY C 68 -29.28 7.81 -16.14
C GLY C 68 -27.97 7.06 -16.12
N VAL C 69 -27.09 7.42 -15.20
CA VAL C 69 -25.74 6.85 -15.18
C VAL C 69 -25.39 6.22 -13.84
N ASN C 70 -24.86 4.99 -13.90
CA ASN C 70 -24.23 4.40 -12.74
C ASN C 70 -22.81 4.91 -12.61
N LEU C 71 -22.53 5.62 -11.53
CA LEU C 71 -21.27 6.31 -11.38
C LEU C 71 -20.12 5.37 -10.99
N THR C 72 -20.44 4.24 -10.37
CA THR C 72 -19.39 3.27 -10.05
C THR C 72 -18.89 2.64 -11.35
N SER C 73 -19.83 2.39 -12.27
CA SER C 73 -19.53 1.89 -13.60
C SER C 73 -18.70 2.89 -14.40
N MET C 74 -19.10 4.15 -14.34
CA MET C 74 -18.40 5.20 -15.07
C MET C 74 -17.00 5.42 -14.50
N SER C 75 -16.86 5.27 -13.19
CA SER C 75 -15.57 5.42 -12.53
C SER C 75 -14.66 4.27 -12.92
N LYS C 76 -15.20 3.06 -12.93
CA LYS C 76 -14.45 1.90 -13.36
C LYS C 76 -13.97 2.08 -14.80
N ILE C 77 -14.81 2.68 -15.62
CA ILE C 77 -14.44 2.96 -17.00
C ILE C 77 -13.37 4.06 -17.07
N LEU C 78 -13.45 5.05 -16.18
CA LEU C 78 -12.53 6.17 -16.23
C LEU C 78 -11.16 5.85 -15.64
N LYS C 79 -11.09 4.81 -14.82
CA LYS C 79 -9.82 4.32 -14.32
C LYS C 79 -8.99 3.78 -15.49
N CYS C 80 -9.70 3.35 -16.52
CA CYS C 80 -9.06 2.86 -17.73
C CYS C 80 -8.48 4.00 -18.56
N ALA C 81 -8.67 5.22 -18.09
CA ALA C 81 -8.10 6.40 -18.75
C ALA C 81 -6.85 6.87 -18.04
N GLY C 82 -5.80 7.14 -18.81
CA GLY C 82 -4.58 7.70 -18.26
C GLY C 82 -4.84 9.07 -17.67
N ASN C 83 -3.99 9.48 -16.73
CA ASN C 83 -4.17 10.75 -16.03
C ASN C 83 -4.03 11.97 -16.93
N GLU C 84 -3.44 11.80 -18.11
CA GLU C 84 -3.23 12.92 -19.01
C GLU C 84 -4.00 12.80 -20.32
N ASP C 85 -4.92 11.85 -20.38
CA ASP C 85 -5.69 11.60 -21.60
C ASP C 85 -6.71 12.69 -21.91
N ILE C 86 -7.00 12.85 -23.19
CA ILE C 86 -8.07 13.74 -23.62
C ILE C 86 -9.36 12.95 -23.66
N ILE C 87 -10.28 13.27 -22.76
CA ILE C 87 -11.49 12.47 -22.62
C ILE C 87 -12.70 13.13 -23.29
N THR C 88 -13.34 12.39 -24.19
CA THR C 88 -14.51 12.89 -24.89
C THR C 88 -15.75 12.06 -24.56
N LEU C 89 -16.72 12.68 -23.91
CA LEU C 89 -18.02 12.05 -23.77
C LEU C 89 -18.81 12.27 -25.05
N ARG C 90 -19.57 11.27 -25.46
CA ARG C 90 -20.42 11.38 -26.63
C ARG C 90 -21.70 10.59 -26.41
N ALA C 91 -22.83 11.24 -26.67
CA ALA C 91 -24.11 10.57 -26.52
C ALA C 91 -25.03 10.96 -27.66
N GLU C 92 -24.44 11.12 -28.85
CA GLU C 92 -25.21 11.54 -30.02
C GLU C 92 -26.32 10.53 -30.28
N ASP C 93 -27.55 11.04 -30.19
CA ASP C 93 -28.77 10.24 -30.12
C ASP C 93 -28.83 9.44 -28.83
N ASN C 94 -29.99 9.45 -28.21
CA ASN C 94 -30.28 8.51 -27.14
C ASN C 94 -30.16 7.13 -27.78
N ALA C 95 -29.02 6.50 -27.54
CA ALA C 95 -28.77 5.16 -28.06
C ALA C 95 -28.81 4.21 -26.88
N ASP C 96 -29.23 4.76 -25.74
CA ASP C 96 -29.24 4.06 -24.46
C ASP C 96 -27.83 3.73 -24.01
N THR C 97 -26.84 4.38 -24.63
CA THR C 97 -25.45 4.23 -24.24
C THR C 97 -24.76 5.58 -24.10
N LEU C 98 -23.70 5.62 -23.31
CA LEU C 98 -22.82 6.76 -23.22
C LEU C 98 -21.42 6.34 -23.64
N ALA C 99 -20.89 6.98 -24.66
CA ALA C 99 -19.56 6.67 -25.16
C ALA C 99 -18.51 7.56 -24.50
N LEU C 100 -17.38 6.95 -24.17
CA LEU C 100 -16.26 7.68 -23.61
C LEU C 100 -15.02 7.41 -24.46
N VAL C 101 -14.30 8.45 -24.82
CA VAL C 101 -13.14 8.29 -25.70
C VAL C 101 -11.90 8.88 -25.05
N PHE C 102 -10.95 8.02 -24.72
CA PHE C 102 -9.73 8.45 -24.07
C PHE C 102 -8.62 8.47 -25.08
N GLU C 103 -8.06 9.65 -25.32
CA GLU C 103 -7.00 9.79 -26.31
C GLU C 103 -5.66 10.07 -25.66
N ALA C 104 -4.68 9.21 -25.95
CA ALA C 104 -3.31 9.45 -25.52
C ALA C 104 -2.88 10.78 -26.08
N PRO C 105 -2.23 11.61 -25.25
CA PRO C 105 -1.81 12.97 -25.63
C PRO C 105 -0.89 12.98 -26.85
N ASN C 106 -0.30 11.84 -27.17
CA ASN C 106 0.55 11.72 -28.34
C ASN C 106 -0.05 10.82 -29.42
N GLN C 107 -1.36 10.58 -29.30
CA GLN C 107 -2.20 10.08 -30.38
C GLN C 107 -1.89 8.68 -30.93
N GLU C 108 -1.04 7.92 -30.27
CA GLU C 108 -0.74 6.60 -30.76
C GLU C 108 -1.63 5.57 -30.08
N LYS C 109 -2.29 5.99 -29.01
CA LYS C 109 -3.25 5.15 -28.31
C LYS C 109 -4.60 5.85 -28.19
N VAL C 110 -5.67 5.16 -28.55
CA VAL C 110 -7.03 5.68 -28.36
C VAL C 110 -7.96 4.57 -27.89
N SER C 111 -8.72 4.84 -26.84
CA SER C 111 -9.71 3.89 -26.33
C SER C 111 -11.11 4.45 -26.44
N ASP C 112 -12.09 3.59 -26.69
CA ASP C 112 -13.48 4.02 -26.62
C ASP C 112 -14.30 2.97 -25.89
N TYR C 113 -15.07 3.43 -24.91
CA TYR C 113 -15.90 2.56 -24.10
C TYR C 113 -17.35 2.94 -24.29
N GLU C 114 -18.24 1.95 -24.23
CA GLU C 114 -19.67 2.24 -24.28
C GLU C 114 -20.34 1.74 -23.02
N MET C 115 -21.13 2.62 -22.40
CA MET C 115 -21.73 2.35 -21.11
C MET C 115 -23.22 2.29 -21.24
N LYS C 116 -23.83 1.23 -20.72
CA LYS C 116 -25.28 1.18 -20.69
C LYS C 116 -25.82 2.22 -19.72
N LEU C 117 -26.78 2.99 -20.19
CA LEU C 117 -27.40 4.00 -19.35
C LEU C 117 -28.57 3.40 -18.58
N MET C 118 -29.05 4.12 -17.58
CA MET C 118 -30.19 3.66 -16.80
C MET C 118 -31.40 4.53 -17.08
N ASP C 119 -32.57 3.99 -16.76
CA ASP C 119 -33.82 4.73 -16.90
C ASP C 119 -34.15 5.42 -15.57
N LEU C 120 -34.05 6.74 -15.56
CA LEU C 120 -34.37 7.54 -14.36
C LEU C 120 -35.32 8.65 -14.72
N ASP C 121 -36.63 8.36 -14.74
CA ASP C 121 -37.62 9.32 -15.25
C ASP C 121 -37.99 10.44 -14.26
N VAL C 122 -37.93 10.16 -12.95
CA VAL C 122 -38.08 11.24 -11.97
C VAL C 122 -36.83 12.11 -12.05
N GLU C 123 -37.02 13.42 -12.10
CA GLU C 123 -35.90 14.30 -12.39
C GLU C 123 -35.43 15.20 -11.25
N GLN C 124 -34.86 16.32 -11.64
CA GLN C 124 -33.91 17.07 -10.81
C GLN C 124 -34.51 17.87 -9.68
N LEU C 125 -34.07 19.13 -9.65
CA LEU C 125 -34.17 20.04 -8.53
C LEU C 125 -33.16 21.14 -8.86
N GLY C 126 -32.31 21.49 -7.90
CA GLY C 126 -31.21 22.39 -8.17
C GLY C 126 -31.37 23.74 -7.51
N ILE C 127 -31.28 23.75 -6.19
CA ILE C 127 -31.43 24.98 -5.42
C ILE C 127 -30.20 25.23 -4.53
N PRO C 128 -29.17 25.91 -5.08
CA PRO C 128 -27.96 26.24 -4.31
C PRO C 128 -28.05 27.61 -3.65
N GLU C 129 -29.27 28.03 -3.33
CA GLU C 129 -29.52 29.38 -2.83
C GLU C 129 -28.97 29.61 -1.42
N GLN C 130 -29.07 30.87 -0.99
CA GLN C 130 -28.95 31.37 0.40
C GLN C 130 -27.80 32.35 0.65
N GLU C 131 -28.00 33.16 1.68
CA GLU C 131 -26.93 33.90 2.34
C GLU C 131 -26.61 33.16 3.63
N TYR C 132 -25.33 33.00 3.95
CA TYR C 132 -24.96 32.22 5.12
C TYR C 132 -24.35 33.05 6.22
N SER C 133 -24.56 32.61 7.45
CA SER C 133 -24.04 33.27 8.63
C SER C 133 -22.52 33.22 8.67
N CYS C 134 -21.97 32.03 8.41
CA CYS C 134 -20.53 31.84 8.34
C CYS C 134 -20.11 31.21 7.01
N VAL C 135 -19.02 31.71 6.44
CA VAL C 135 -18.46 31.12 5.24
C VAL C 135 -16.95 30.97 5.44
N VAL C 136 -16.50 29.71 5.54
CA VAL C 136 -15.11 29.42 5.85
C VAL C 136 -14.34 28.89 4.64
N LYS C 137 -13.26 29.57 4.27
CA LYS C 137 -12.40 29.07 3.20
C LYS C 137 -11.11 28.52 3.79
N MET C 138 -10.74 27.30 3.43
CA MET C 138 -9.57 26.68 4.04
C MET C 138 -8.88 25.68 3.11
N PRO C 139 -7.66 25.22 3.46
CA PRO C 139 -7.05 24.17 2.64
C PRO C 139 -7.88 22.91 2.63
N SER C 140 -8.04 22.29 1.46
CA SER C 140 -8.86 21.09 1.33
C SER C 140 -8.22 19.91 2.05
N GLY C 141 -6.91 19.78 1.92
CA GLY C 141 -6.17 18.71 2.56
C GLY C 141 -6.25 18.78 4.07
N GLU C 142 -6.27 19.99 4.60
CA GLU C 142 -6.35 20.21 6.03
C GLU C 142 -7.71 19.74 6.57
N PHE C 143 -8.76 20.12 5.87
CA PHE C 143 -10.12 19.72 6.21
C PHE C 143 -10.27 18.20 6.17
N ALA C 144 -9.69 17.59 5.13
CA ALA C 144 -9.70 16.14 4.98
C ALA C 144 -9.02 15.47 6.17
N ARG C 145 -7.81 15.94 6.46
CA ARG C 145 -7.04 15.46 7.60
C ARG C 145 -7.84 15.54 8.89
N ILE C 146 -8.52 16.67 9.09
CA ILE C 146 -9.32 16.89 10.29
C ILE C 146 -10.50 15.90 10.41
N CYS C 147 -11.29 15.78 9.36
CA CYS C 147 -12.41 14.82 9.37
C CYS C 147 -11.94 13.40 9.66
N ARG C 148 -10.90 12.99 8.94
CA ARG C 148 -10.27 11.68 9.17
C ARG C 148 -9.84 11.51 10.62
N ASP C 149 -9.12 12.49 11.14
CA ASP C 149 -8.63 12.46 12.53
C ASP C 149 -9.75 12.30 13.53
N LEU C 150 -10.73 13.21 13.49
CA LEU C 150 -11.79 13.20 14.48
C LEU C 150 -12.70 11.98 14.32
N SER C 151 -12.64 11.31 13.18
CA SER C 151 -13.34 10.04 13.03
C SER C 151 -12.85 9.01 14.05
N HIS C 152 -11.60 9.15 14.47
CA HIS C 152 -11.03 8.31 15.51
C HIS C 152 -11.71 8.56 16.85
N ILE C 153 -11.98 9.83 17.15
CA ILE C 153 -12.51 10.23 18.45
C ILE C 153 -14.00 9.95 18.59
N GLY C 154 -14.77 10.37 17.60
CA GLY C 154 -16.21 10.18 17.62
C GLY C 154 -16.75 10.05 16.20
N ASP C 155 -18.08 9.97 16.09
CA ASP C 155 -18.73 9.87 14.79
C ASP C 155 -19.41 11.16 14.39
N ALA C 156 -19.33 12.16 15.25
CA ALA C 156 -19.96 13.46 14.99
C ALA C 156 -19.01 14.60 15.32
N VAL C 157 -18.99 15.61 14.46
CA VAL C 157 -18.15 16.79 14.69
C VAL C 157 -18.98 18.02 14.97
N VAL C 158 -18.58 18.78 15.99
CA VAL C 158 -19.19 20.06 16.29
C VAL C 158 -18.31 21.16 15.73
N ILE C 159 -18.84 21.87 14.74
CA ILE C 159 -18.16 23.02 14.18
C ILE C 159 -18.61 24.30 14.89
N SER C 160 -17.70 24.90 15.64
CA SER C 160 -17.95 26.15 16.35
C SER C 160 -17.19 27.30 15.70
N CYS C 161 -17.92 28.14 14.97
CA CYS C 161 -17.31 29.20 14.18
C CYS C 161 -17.60 30.60 14.73
N ALA C 162 -16.51 31.35 14.98
CA ALA C 162 -16.58 32.73 15.46
C ALA C 162 -15.62 33.62 14.67
N LYS C 163 -15.48 34.87 15.10
CA LYS C 163 -14.65 35.84 14.40
C LYS C 163 -13.17 35.43 14.36
N ASP C 164 -12.63 35.07 15.52
CA ASP C 164 -11.23 34.70 15.66
C ASP C 164 -10.86 33.51 14.79
N GLY C 165 -11.62 32.42 14.92
CA GLY C 165 -11.34 31.20 14.18
C GLY C 165 -12.44 30.17 14.25
N VAL C 166 -12.15 28.96 13.80
CA VAL C 166 -13.13 27.88 13.80
C VAL C 166 -12.61 26.69 14.59
N LYS C 167 -13.51 26.02 15.32
CA LYS C 167 -13.16 24.88 16.17
C LYS C 167 -13.89 23.64 15.71
N PHE C 168 -13.17 22.52 15.61
CA PHE C 168 -13.80 21.26 15.28
C PHE C 168 -13.69 20.32 16.47
N SER C 169 -14.84 19.89 17.01
CA SER C 169 -14.84 19.09 18.21
C SER C 169 -15.40 17.70 17.98
N ALA C 170 -14.90 16.73 18.75
CA ALA C 170 -15.45 15.38 18.73
C ALA C 170 -15.38 14.78 20.13
N SER C 171 -16.40 14.04 20.51
CA SER C 171 -16.37 13.36 21.79
C SER C 171 -16.71 11.90 21.62
N GLY C 172 -15.96 11.03 22.30
CA GLY C 172 -16.20 9.61 22.22
C GLY C 172 -15.94 8.91 23.53
N GLU C 173 -15.75 7.60 23.47
CA GLU C 173 -15.48 6.80 24.66
C GLU C 173 -14.09 7.06 25.23
N LEU C 174 -13.10 7.12 24.35
CA LEU C 174 -11.71 7.33 24.76
C LEU C 174 -11.53 8.72 25.35
N GLY C 175 -12.28 9.69 24.84
CA GLY C 175 -12.21 11.06 25.32
C GLY C 175 -12.79 12.06 24.34
N ASN C 176 -12.20 13.25 24.30
CA ASN C 176 -12.65 14.30 23.40
C ASN C 176 -11.47 14.99 22.73
N GLY C 177 -11.70 15.56 21.56
CA GLY C 177 -10.67 16.29 20.87
C GLY C 177 -11.20 17.56 20.25
N ASN C 178 -10.42 18.63 20.38
CA ASN C 178 -10.77 19.89 19.72
C ASN C 178 -9.62 20.37 18.86
N ILE C 179 -9.92 20.64 17.60
CA ILE C 179 -8.95 21.15 16.65
C ILE C 179 -9.29 22.59 16.32
N LYS C 180 -8.47 23.51 16.81
CA LYS C 180 -8.69 24.93 16.59
C LYS C 180 -7.89 25.44 15.40
N LEU C 181 -8.54 26.20 14.54
CA LEU C 181 -7.89 26.88 13.44
C LEU C 181 -8.12 28.38 13.57
N SER C 182 -7.05 29.15 13.68
CA SER C 182 -7.17 30.60 13.76
C SER C 182 -7.03 31.21 12.38
N GLN C 183 -7.85 32.22 12.10
CA GLN C 183 -7.80 32.93 10.83
C GLN C 183 -6.41 33.49 10.62
N THR C 184 -5.73 33.00 9.60
CA THR C 184 -4.35 33.39 9.34
C THR C 184 -4.28 34.87 9.00
N SER C 185 -3.24 35.53 9.51
CA SER C 185 -3.06 36.98 9.37
C SER C 185 -3.15 37.44 7.93
N ASN C 186 -2.44 36.77 7.04
CA ASN C 186 -2.47 37.13 5.63
C ASN C 186 -2.62 35.91 4.72
N VAL C 187 -3.39 36.08 3.65
CA VAL C 187 -3.63 34.99 2.69
C VAL C 187 -2.52 34.92 1.65
N ASP C 188 -2.16 33.70 1.27
CA ASP C 188 -1.04 33.47 0.37
C ASP C 188 -0.98 32.01 -0.07
N LYS C 189 0.13 31.67 -0.75
CA LYS C 189 0.43 30.28 -1.14
C LYS C 189 -0.62 29.73 -2.10
N GLU C 190 -0.50 28.46 -2.48
CA GLU C 190 -1.59 27.76 -3.16
C GLU C 190 -2.71 27.44 -2.17
N GLU C 191 -2.73 28.23 -1.10
CA GLU C 191 -3.70 28.28 0.00
C GLU C 191 -3.32 27.36 1.15
N GLU C 192 -2.83 28.01 2.20
CA GLU C 192 -2.64 27.44 3.51
C GLU C 192 -3.51 28.29 4.44
N ALA C 193 -4.18 29.26 3.83
CA ALA C 193 -4.91 30.30 4.54
C ALA C 193 -6.26 29.84 5.05
N VAL C 194 -6.72 30.48 6.12
CA VAL C 194 -8.06 30.28 6.64
C VAL C 194 -8.79 31.61 6.70
N THR C 195 -9.88 31.71 5.94
CA THR C 195 -10.65 32.95 5.88
C THR C 195 -12.06 32.73 6.40
N ILE C 196 -12.54 33.66 7.22
CA ILE C 196 -13.89 33.55 7.76
C ILE C 196 -14.73 34.78 7.47
N GLU C 197 -15.72 34.62 6.59
CA GLU C 197 -16.68 35.68 6.31
C GLU C 197 -17.91 35.45 7.17
N MET C 198 -18.07 36.25 8.22
CA MET C 198 -19.10 35.99 9.22
C MET C 198 -20.07 37.15 9.43
N ASN C 199 -21.37 36.82 9.47
CA ASN C 199 -22.40 37.76 9.90
C ASN C 199 -22.70 37.54 11.38
N GLU C 200 -22.72 36.26 11.76
CA GLU C 200 -23.09 35.84 13.10
C GLU C 200 -22.45 34.49 13.40
N PRO C 201 -21.88 34.33 14.61
CA PRO C 201 -21.23 33.07 14.99
C PRO C 201 -22.18 31.89 14.95
N VAL C 202 -21.70 30.73 14.51
CA VAL C 202 -22.57 29.54 14.44
C VAL C 202 -21.95 28.34 15.15
N GLN C 203 -22.75 27.31 15.41
CA GLN C 203 -22.23 26.08 15.99
C GLN C 203 -23.12 24.89 15.64
N LEU C 204 -22.62 24.00 14.81
CA LEU C 204 -23.45 22.93 14.29
C LEU C 204 -22.77 21.56 14.32
N THR C 205 -23.55 20.53 14.63
CA THR C 205 -23.04 19.17 14.66
C THR C 205 -23.40 18.40 13.38
N PHE C 206 -22.42 17.74 12.79
CA PHE C 206 -22.65 16.94 11.59
C PHE C 206 -22.06 15.56 11.74
N ALA C 207 -22.47 14.62 10.89
CA ALA C 207 -21.97 13.25 10.94
C ALA C 207 -20.65 13.12 10.17
N LEU C 208 -19.62 12.64 10.86
CA LEU C 208 -18.27 12.60 10.31
C LEU C 208 -18.14 11.66 9.12
N ARG C 209 -18.97 10.62 9.08
CA ARG C 209 -18.99 9.67 7.98
C ARG C 209 -19.15 10.39 6.64
N TYR C 210 -20.24 11.14 6.53
CA TYR C 210 -20.55 11.89 5.32
C TYR C 210 -19.46 12.88 4.94
N LEU C 211 -18.91 13.58 5.91
CA LEU C 211 -17.79 14.49 5.65
C LEU C 211 -16.61 13.72 5.07
N ASN C 212 -16.36 12.53 5.61
CA ASN C 212 -15.30 11.67 5.11
C ASN C 212 -15.59 11.17 3.70
N PHE C 213 -16.86 11.24 3.29
CA PHE C 213 -17.19 11.00 1.88
C PHE C 213 -16.97 12.25 1.03
N PHE C 214 -17.22 13.43 1.60
CA PHE C 214 -17.08 14.68 0.88
C PHE C 214 -15.60 14.94 0.57
N THR C 215 -14.75 14.67 1.54
CA THR C 215 -13.32 14.94 1.43
C THR C 215 -12.62 14.15 0.33
N LYS C 216 -13.38 13.31 -0.35
CA LYS C 216 -12.87 12.59 -1.52
C LYS C 216 -12.78 13.56 -2.70
N ALA C 217 -13.31 14.76 -2.51
CA ALA C 217 -13.25 15.78 -3.55
C ALA C 217 -11.98 16.61 -3.44
N THR C 218 -11.16 16.28 -2.44
CA THR C 218 -9.91 17.00 -2.18
C THR C 218 -8.98 17.15 -3.41
N PRO C 219 -8.85 16.09 -4.23
CA PRO C 219 -7.97 16.26 -5.40
C PRO C 219 -8.41 17.36 -6.37
N LEU C 220 -9.69 17.72 -6.33
CA LEU C 220 -10.23 18.70 -7.26
C LEU C 220 -9.78 20.12 -6.95
N SER C 221 -9.65 20.47 -5.68
CA SER C 221 -9.32 21.83 -5.30
C SER C 221 -8.34 21.92 -4.15
N SER C 222 -7.52 22.96 -4.15
CA SER C 222 -6.62 23.21 -3.03
C SER C 222 -7.39 23.77 -1.85
N THR C 223 -8.52 24.42 -2.14
CA THR C 223 -9.35 24.99 -1.09
C THR C 223 -10.73 24.35 -1.02
N VAL C 224 -11.33 24.44 0.15
CA VAL C 224 -12.70 24.01 0.35
C VAL C 224 -13.44 25.11 1.11
N THR C 225 -14.69 25.34 0.72
CA THR C 225 -15.52 26.36 1.33
C THR C 225 -16.71 25.78 2.09
N LEU C 226 -16.77 26.03 3.39
CA LEU C 226 -17.85 25.55 4.24
C LEU C 226 -18.84 26.68 4.54
N SER C 227 -20.05 26.58 4.00
CA SER C 227 -21.07 27.60 4.26
C SER C 227 -22.07 27.09 5.28
N MET C 228 -22.29 27.87 6.33
CA MET C 228 -23.17 27.48 7.43
C MET C 228 -24.12 28.58 7.88
N SER C 229 -25.37 28.20 8.12
CA SER C 229 -26.29 28.98 8.93
C SER C 229 -27.02 28.00 9.83
N ALA C 230 -27.62 28.46 10.91
CA ALA C 230 -28.41 27.58 11.76
C ALA C 230 -29.66 27.12 11.02
N ASP C 231 -30.04 25.86 11.22
CA ASP C 231 -31.25 25.29 10.63
C ASP C 231 -31.21 25.21 9.11
N VAL C 232 -30.01 25.24 8.53
CA VAL C 232 -29.82 24.94 7.11
C VAL C 232 -28.64 23.98 6.93
N PRO C 233 -28.67 23.15 5.87
CA PRO C 233 -27.59 22.16 5.67
C PRO C 233 -26.26 22.82 5.31
N LEU C 234 -25.17 22.29 5.88
CA LEU C 234 -23.82 22.75 5.57
C LEU C 234 -23.53 22.57 4.09
N VAL C 235 -22.82 23.52 3.49
CA VAL C 235 -22.40 23.35 2.11
C VAL C 235 -20.88 23.27 2.02
N VAL C 236 -20.37 22.08 1.71
CA VAL C 236 -18.95 21.85 1.49
C VAL C 236 -18.69 21.97 0.00
N GLU C 237 -17.99 23.03 -0.40
CA GLU C 237 -17.87 23.40 -1.80
C GLU C 237 -16.44 23.38 -2.31
N TYR C 238 -16.21 22.62 -3.39
CA TYR C 238 -14.93 22.58 -4.08
C TYR C 238 -15.08 23.19 -5.47
N LYS C 239 -14.23 24.15 -5.79
CA LYS C 239 -14.24 24.76 -7.11
C LYS C 239 -13.53 23.83 -8.09
N ILE C 240 -14.15 23.61 -9.25
CA ILE C 240 -13.54 22.78 -10.28
C ILE C 240 -13.03 23.64 -11.43
N ALA C 241 -11.71 23.82 -11.44
CA ALA C 241 -11.01 24.65 -12.41
C ALA C 241 -11.70 25.98 -12.59
N ASP C 242 -12.11 26.25 -13.82
CA ASP C 242 -12.87 27.43 -14.13
C ASP C 242 -14.21 27.06 -14.74
N MET C 243 -14.48 25.76 -14.80
CA MET C 243 -15.68 25.27 -15.47
C MET C 243 -16.81 24.94 -14.52
N GLY C 244 -16.55 24.84 -13.23
CA GLY C 244 -17.67 24.67 -12.34
C GLY C 244 -17.41 24.43 -10.87
N HIS C 245 -18.26 23.63 -10.25
CA HIS C 245 -18.13 23.34 -8.82
C HIS C 245 -18.76 22.01 -8.42
N LEU C 246 -18.29 21.49 -7.31
CA LEU C 246 -18.86 20.34 -6.66
C LEU C 246 -19.31 20.77 -5.26
N LYS C 247 -20.61 20.71 -5.01
CA LYS C 247 -21.15 21.10 -3.71
C LYS C 247 -21.79 19.92 -3.01
N TYR C 248 -21.41 19.70 -1.77
CA TYR C 248 -22.07 18.72 -0.92
C TYR C 248 -22.92 19.45 0.13
N TYR C 249 -24.16 19.00 0.29
CA TYR C 249 -25.07 19.57 1.26
C TYR C 249 -25.34 18.54 2.35
N LEU C 250 -25.04 18.88 3.59
CA LEU C 250 -25.23 17.94 4.69
C LEU C 250 -26.14 18.52 5.75
N ALA C 251 -27.31 17.93 5.90
CA ALA C 251 -28.23 18.32 6.96
C ALA C 251 -27.60 18.04 8.32
N PRO C 252 -27.72 18.99 9.26
CA PRO C 252 -27.15 18.83 10.60
C PRO C 252 -28.00 17.94 11.48
N ALA D 1 10.14 -27.35 22.54
CA ALA D 1 10.64 -27.10 23.88
C ALA D 1 9.60 -26.38 24.74
N PHE D 2 10.08 -25.51 25.63
CA PHE D 2 9.24 -24.89 26.63
C PHE D 2 9.11 -23.37 26.45
N GLN D 3 7.88 -22.87 26.37
CA GLN D 3 7.68 -21.43 26.34
C GLN D 3 7.42 -20.91 27.74
N ALA D 4 8.48 -20.45 28.40
CA ALA D 4 8.37 -19.96 29.76
C ALA D 4 7.61 -18.64 29.83
N LYS D 5 7.15 -18.30 31.04
CA LYS D 5 6.56 -17.00 31.28
C LYS D 5 7.58 -16.20 32.06
N LEU D 6 7.45 -14.88 32.06
CA LEU D 6 8.46 -14.05 32.70
C LEU D 6 8.30 -14.01 34.21
N ASP D 7 7.21 -14.56 34.71
CA ASP D 7 6.90 -14.51 36.15
C ASP D 7 7.98 -15.18 37.00
N THR D 8 8.66 -16.19 36.43
CA THR D 8 9.71 -16.90 37.15
C THR D 8 10.96 -16.04 37.29
N PHE D 9 11.12 -15.08 36.38
CA PHE D 9 12.30 -14.22 36.32
C PHE D 9 12.07 -12.86 36.95
N LEU D 10 10.80 -12.45 37.01
CA LEU D 10 10.43 -11.22 37.70
C LEU D 10 10.88 -11.29 39.16
N TRP D 11 11.27 -10.15 39.72
CA TRP D 11 11.71 -10.13 41.10
C TRP D 11 10.59 -9.70 42.03
N SER D 12 10.04 -10.67 42.77
CA SER D 12 8.99 -10.42 43.74
C SER D 12 9.56 -10.34 45.16
N ALA E 1 -16.96 -19.71 -28.00
CA ALA E 1 -17.22 -19.01 -26.76
C ALA E 1 -16.74 -19.83 -25.56
N PHE E 2 -15.82 -20.75 -25.81
CA PHE E 2 -15.33 -21.63 -24.76
C PHE E 2 -13.83 -21.86 -24.88
N GLN E 3 -13.20 -22.22 -23.77
CA GLN E 3 -11.75 -22.36 -23.73
C GLN E 3 -11.27 -23.68 -24.34
N ALA E 4 -10.29 -23.58 -25.23
CA ALA E 4 -9.63 -24.76 -25.76
C ALA E 4 -8.44 -25.12 -24.87
N LYS E 5 -8.10 -26.40 -24.83
CA LYS E 5 -6.95 -26.83 -24.06
C LYS E 5 -5.69 -26.75 -24.91
N LEU E 6 -4.55 -26.58 -24.24
CA LEU E 6 -3.29 -26.38 -24.94
C LEU E 6 -2.70 -27.69 -25.47
N ASP E 7 -3.06 -28.80 -24.85
CA ASP E 7 -2.48 -30.12 -25.13
C ASP E 7 -2.42 -30.45 -26.62
N THR E 8 -3.47 -30.08 -27.35
CA THR E 8 -3.59 -30.41 -28.77
C THR E 8 -2.55 -29.67 -29.62
N PHE E 9 -2.01 -28.59 -29.08
CA PHE E 9 -1.05 -27.80 -29.83
C PHE E 9 0.39 -28.18 -29.49
N LEU E 10 0.55 -29.06 -28.51
CA LEU E 10 1.88 -29.49 -28.08
C LEU E 10 2.40 -30.60 -28.96
N TRP E 11 3.72 -30.81 -28.97
CA TRP E 11 4.33 -31.77 -29.87
C TRP E 11 4.26 -33.19 -29.34
N SER E 12 3.37 -33.98 -29.92
CA SER E 12 3.17 -35.37 -29.54
C SER E 12 3.44 -36.31 -30.71
N ALA F 1 -33.89 13.67 8.74
CA ALA F 1 -32.88 14.72 8.62
C ALA F 1 -32.42 14.88 7.17
N GLY F 2 -33.39 15.05 6.27
CA GLY F 2 -33.10 15.21 4.85
C GLY F 2 -32.46 16.55 4.55
N ALA F 3 -31.62 16.58 3.51
CA ALA F 3 -30.96 17.81 3.10
C ALA F 3 -32.00 18.85 2.68
N GLY F 4 -32.52 18.71 1.47
CA GLY F 4 -33.58 19.58 0.99
C GLY F 4 -33.14 20.97 0.58
N ALA F 5 -31.92 21.35 0.95
CA ALA F 5 -31.40 22.68 0.65
C ALA F 5 -29.89 22.66 0.41
#